data_8I5D
#
_entry.id   8I5D
#
_cell.length_a   117.819
_cell.length_b   117.819
_cell.length_c   314.730
_cell.angle_alpha   90.000
_cell.angle_beta   90.000
_cell.angle_gamma   120.000
#
_symmetry.space_group_name_H-M   'P 62 2 2'
#
loop_
_entity.id
_entity.type
_entity.pdbx_description
1 polymer 'TCR alpha chain'
2 polymer 'TCR beta chain'
3 polymer 'MHC class I antigen (Fragment)'
4 polymer Beta-2-microglobulin
5 polymer 'peptide KRAS-G12V-9'
#
loop_
_entity_poly.entity_id
_entity_poly.type
_entity_poly.pdbx_seq_one_letter_code
_entity_poly.pdbx_strand_id
1 'polypeptide(L)'
;SWALSVHEGESVTVNCSYKTSITALQWYRQKSGKGPAQLILIRSNEREKRNGRLRATLDTSSQSSSLSITATRCEDTAVY
FCAASSGSWQLIFGSGTQLTVMPDIQNPDPAVYQLRDSKSSDKSVCLFTDFDSQTNVSQSKDSDVYITDKCVLDMRSMDF
KSNSAVAWSNKSDFACANAFNNSIIPEDTFFPSP
;
A
2 'polypeptide(L)'
;GVIQTPRHKVTGKGQEATLWCEPISGHSAVFWYRQTIVQGLEFLTYFRNQAPIDDSGMPKERFSAQMPNQSHSTLKIQST
QPQDSAVYLCASSLEGTVEETLYFGSGTRLTVLEDLKNVFPPEVAVFEPSEAEISHTQKATLVCLATGFYPDHVELSWWV
NGKEVHSGVCTDPQPLKEQPALNDSRYALSSRLRVSATFWQDPRNHFRCQVQFYGLSENDEWTQDRAKPVTQIVSAEAWG
RA
;
B
3 'polypeptide(L)'
;GSHSMRYFYTSVSRPGRGEPRFIAVGYVDDTQFVRFDSDAASQRMEPRAPWIEQEGPEYWDQETRNVKAQSQTDRVDLGT
LRGYYNQSEDGSHTIQIMYGCDVGPDGRFLRGYRQDAYDGKDYIALNEDLRSWTAADMAAQITKRKWEAAHAAEQQRAYL
EGRCVEWLRRYLENGKETLQRTDPPKTHMTHHPISDHEATLRCWALGFYPAEITLTWQRDGEDQTQDTELVETRPAGDGT
FQKWVAVVVPSGQEQRYTCHVQHEGLPKPLTLRW
;
H
4 'polypeptide(L)'
;IQRTPKIQVYSRHPAENGKSNFLNCYVSGFHPSDIEVDLLKNGERIEKVEHSDLSFSKDWSFYLLYYTEFTPTEKDEYAC
RVNHVTLSQPKIVKWDRDM
;
L
5 'polypeptide(L)' VVGAVGVGK P
#
# COMPACT_ATOMS: atom_id res chain seq x y z
N SER A 1 11.98 21.61 -8.26
CA SER A 1 11.56 20.31 -7.78
C SER A 1 10.49 19.70 -8.69
N TRP A 2 10.54 20.05 -9.96
CA TRP A 2 9.55 19.57 -10.93
C TRP A 2 10.15 18.88 -12.13
N ALA A 3 11.26 19.38 -12.66
CA ALA A 3 11.83 18.83 -13.89
C ALA A 3 13.35 18.87 -13.83
N LEU A 4 13.98 17.92 -14.53
CA LEU A 4 15.42 17.82 -14.64
C LEU A 4 15.81 17.69 -16.10
N SER A 5 16.94 18.31 -16.47
CA SER A 5 17.48 18.22 -17.82
C SER A 5 18.93 17.80 -17.74
N VAL A 6 19.28 16.72 -18.44
CA VAL A 6 20.62 16.15 -18.44
C VAL A 6 20.95 15.66 -19.83
N HIS A 7 22.19 15.90 -20.27
CA HIS A 7 22.64 15.45 -21.57
C HIS A 7 22.81 13.93 -21.60
N GLU A 8 23.00 13.40 -22.80
CA GLU A 8 23.21 11.96 -22.97
C GLU A 8 24.49 11.51 -22.27
N GLY A 9 24.48 10.31 -21.73
CA GLY A 9 25.64 9.71 -21.12
C GLY A 9 25.89 10.12 -19.69
N GLU A 10 25.54 11.36 -19.33
CA GLU A 10 25.77 11.84 -17.99
C GLU A 10 24.86 11.11 -16.99
N SER A 11 25.26 11.14 -15.73
CA SER A 11 24.49 10.50 -14.66
C SER A 11 23.43 11.45 -14.12
N VAL A 12 22.27 10.88 -13.78
CA VAL A 12 21.13 11.64 -13.30
C VAL A 12 20.80 11.18 -11.88
N THR A 13 20.54 12.14 -10.99
CA THR A 13 20.09 11.86 -9.64
C THR A 13 18.76 12.56 -9.41
N VAL A 14 17.75 11.79 -8.99
CA VAL A 14 16.41 12.29 -8.74
C VAL A 14 16.08 12.09 -7.27
N ASN A 15 15.41 13.06 -6.66
CA ASN A 15 15.12 13.05 -5.23
C ASN A 15 13.63 13.15 -4.98
N CYS A 16 13.20 12.56 -3.86
CA CYS A 16 11.82 12.62 -3.43
C CYS A 16 11.77 12.37 -1.93
N SER A 17 10.64 12.72 -1.32
CA SER A 17 10.46 12.58 0.12
C SER A 17 9.11 11.96 0.42
N TYR A 18 9.02 11.29 1.57
CA TYR A 18 7.80 10.66 2.04
C TYR A 18 7.55 11.06 3.49
N LYS A 19 6.31 10.88 3.93
CA LYS A 19 5.87 11.33 5.25
C LYS A 19 5.64 10.19 6.23
N THR A 20 5.05 9.09 5.79
CA THR A 20 4.74 7.98 6.68
C THR A 20 5.98 7.14 6.95
N SER A 21 6.00 6.49 8.12
CA SER A 21 7.02 5.50 8.40
C SER A 21 6.80 4.28 7.52
N ILE A 22 7.80 3.92 6.73
CA ILE A 22 7.63 2.94 5.67
C ILE A 22 8.42 1.68 5.99
N THR A 23 8.03 0.59 5.33
CA THR A 23 8.77 -0.67 5.36
C THR A 23 9.39 -1.01 4.01
N ALA A 24 9.02 -0.31 2.94
CA ALA A 24 9.57 -0.55 1.62
C ALA A 24 9.27 0.66 0.74
N LEU A 25 10.24 1.04 -0.08
CA LEU A 25 10.08 2.13 -1.03
C LEU A 25 10.43 1.64 -2.44
N GLN A 26 9.66 2.09 -3.42
CA GLN A 26 9.85 1.66 -4.80
C GLN A 26 9.92 2.90 -5.70
N TRP A 27 10.60 2.75 -6.83
CA TRP A 27 10.70 3.80 -7.83
C TRP A 27 10.00 3.36 -9.11
N TYR A 28 9.13 4.21 -9.64
CA TYR A 28 8.39 3.95 -10.86
C TYR A 28 8.63 5.09 -11.85
N ARG A 29 8.69 4.75 -13.14
CA ARG A 29 8.71 5.75 -14.19
C ARG A 29 7.55 5.48 -15.14
N GLN A 30 6.97 6.56 -15.65
CA GLN A 30 5.86 6.49 -16.59
C GLN A 30 6.25 7.23 -17.86
N LYS A 31 6.54 6.47 -18.92
CA LYS A 31 6.78 7.09 -20.21
C LYS A 31 5.51 7.77 -20.70
N SER A 32 5.67 8.90 -21.39
CA SER A 32 4.52 9.66 -21.87
C SER A 32 3.69 8.83 -22.84
N GLY A 33 2.50 8.43 -22.40
CA GLY A 33 1.62 7.63 -23.24
C GLY A 33 1.27 6.28 -22.68
N LYS A 34 2.22 5.63 -22.02
CA LYS A 34 2.03 4.30 -21.48
C LYS A 34 1.82 4.36 -19.97
N GLY A 35 1.58 3.20 -19.38
CA GLY A 35 1.41 3.09 -17.94
C GLY A 35 2.73 3.09 -17.21
N PRO A 36 2.70 3.36 -15.91
CA PRO A 36 3.92 3.33 -15.12
C PRO A 36 4.50 1.91 -15.04
N ALA A 37 5.82 1.84 -14.91
CA ALA A 37 6.54 0.58 -14.78
C ALA A 37 7.49 0.66 -13.61
N GLN A 38 7.65 -0.46 -12.89
CA GLN A 38 8.53 -0.48 -11.74
C GLN A 38 9.99 -0.45 -12.17
N LEU A 39 10.81 0.28 -11.40
CA LEU A 39 12.24 0.33 -11.64
C LEU A 39 13.02 -0.55 -10.67
N ILE A 40 12.85 -0.31 -9.37
CA ILE A 40 13.63 -1.01 -8.35
C ILE A 40 12.91 -0.85 -7.03
N LEU A 41 13.11 -1.82 -6.13
CA LEU A 41 12.50 -1.83 -4.81
C LEU A 41 13.59 -1.89 -3.76
N ILE A 42 13.54 -0.98 -2.78
CA ILE A 42 14.49 -0.93 -1.69
C ILE A 42 13.71 -0.97 -0.38
N ARG A 43 14.15 -1.81 0.55
CA ARG A 43 13.44 -2.01 1.80
C ARG A 43 14.01 -1.11 2.90
N SER A 44 13.21 -0.89 3.94
CA SER A 44 13.59 0.06 4.98
C SER A 44 14.85 -0.38 5.72
N ASN A 45 15.08 -1.69 5.83
CA ASN A 45 16.28 -2.22 6.45
C ASN A 45 17.49 -2.22 5.50
N GLU A 46 17.41 -1.47 4.40
CA GLU A 46 18.50 -1.36 3.44
C GLU A 46 18.82 0.11 3.22
N ARG A 47 20.08 0.38 2.88
CA ARG A 47 20.54 1.74 2.60
C ARG A 47 20.77 2.01 1.12
N GLU A 48 21.32 1.05 0.38
CA GLU A 48 21.53 1.21 -1.05
C GLU A 48 21.22 -0.11 -1.75
N LYS A 49 20.74 -0.01 -2.99
CA LYS A 49 20.47 -1.18 -3.80
C LYS A 49 20.51 -0.77 -5.27
N ARG A 50 21.09 -1.64 -6.11
CA ARG A 50 21.39 -1.31 -7.49
C ARG A 50 20.91 -2.43 -8.41
N ASN A 51 20.46 -2.04 -9.60
CA ASN A 51 20.04 -3.00 -10.64
C ASN A 51 20.42 -2.43 -12.00
N GLY A 52 21.38 -3.07 -12.65
CA GLY A 52 21.82 -2.61 -13.97
C GLY A 52 22.43 -1.23 -13.90
N ARG A 53 21.79 -0.27 -14.58
CA ARG A 53 22.22 1.11 -14.58
C ARG A 53 21.53 1.96 -13.52
N LEU A 54 20.72 1.34 -12.67
CA LEU A 54 19.88 2.04 -11.70
C LEU A 54 20.47 1.83 -10.31
N ARG A 55 20.77 2.93 -9.61
CA ARG A 55 21.32 2.88 -8.26
C ARG A 55 20.48 3.78 -7.36
N ALA A 56 19.96 3.22 -6.27
CA ALA A 56 19.02 3.92 -5.41
C ALA A 56 19.49 3.88 -3.96
N THR A 57 19.22 4.95 -3.23
CA THR A 57 19.62 5.10 -1.83
C THR A 57 18.40 5.45 -0.98
N LEU A 58 18.46 5.05 0.30
CA LEU A 58 17.38 5.30 1.24
C LEU A 58 17.93 5.85 2.54
N ASP A 59 17.36 6.95 3.01
CA ASP A 59 17.67 7.54 4.31
C ASP A 59 16.41 7.48 5.16
N THR A 60 16.39 6.56 6.13
CA THR A 60 15.22 6.43 7.00
C THR A 60 15.05 7.66 7.88
N SER A 61 16.15 8.20 8.42
CA SER A 61 16.06 9.31 9.35
C SER A 61 15.53 10.58 8.68
N SER A 62 15.99 10.86 7.46
CA SER A 62 15.56 12.05 6.75
C SER A 62 14.29 11.85 5.92
N GLN A 63 13.81 10.61 5.83
CA GLN A 63 12.63 10.26 5.02
C GLN A 63 12.76 10.80 3.60
N SER A 64 13.80 10.33 2.91
CA SER A 64 14.05 10.73 1.54
C SER A 64 14.83 9.61 0.85
N SER A 65 14.78 9.63 -0.48
CA SER A 65 15.46 8.64 -1.29
C SER A 65 15.98 9.30 -2.57
N SER A 66 17.02 8.70 -3.14
CA SER A 66 17.65 9.20 -4.35
C SER A 66 17.86 8.05 -5.32
N LEU A 67 17.61 8.31 -6.61
CA LEU A 67 17.82 7.35 -7.68
C LEU A 67 18.88 7.88 -8.62
N SER A 68 19.90 7.07 -8.90
CA SER A 68 21.00 7.45 -9.77
C SER A 68 20.99 6.58 -11.02
N ILE A 69 20.96 7.21 -12.18
CA ILE A 69 20.99 6.52 -13.47
C ILE A 69 22.33 6.83 -14.12
N THR A 70 23.13 5.80 -14.36
CA THR A 70 24.42 5.96 -15.02
C THR A 70 24.28 5.67 -16.51
N ALA A 71 24.95 6.49 -17.32
CA ALA A 71 24.94 6.36 -18.78
C ALA A 71 23.50 6.45 -19.32
N THR A 72 22.90 7.63 -19.14
CA THR A 72 21.52 7.84 -19.52
C THR A 72 21.35 7.82 -21.04
N ARG A 73 20.17 7.39 -21.48
CA ARG A 73 19.81 7.31 -22.89
C ARG A 73 18.57 8.17 -23.16
N CYS A 74 18.24 8.33 -24.44
CA CYS A 74 16.99 9.00 -24.80
C CYS A 74 15.78 8.22 -24.30
N GLU A 75 15.90 6.90 -24.22
CA GLU A 75 14.80 6.08 -23.71
C GLU A 75 14.49 6.37 -22.25
N ASP A 76 15.43 6.97 -21.51
CA ASP A 76 15.24 7.26 -20.10
C ASP A 76 14.45 8.55 -19.87
N THR A 77 13.98 9.20 -20.93
CA THR A 77 13.17 10.41 -20.80
C THR A 77 11.76 10.00 -20.42
N ALA A 78 11.35 10.31 -19.19
CA ALA A 78 10.05 9.94 -18.66
C ALA A 78 9.81 10.73 -17.37
N VAL A 79 8.72 10.42 -16.68
CA VAL A 79 8.38 11.02 -15.40
C VAL A 79 8.57 9.96 -14.33
N TYR A 80 9.31 10.29 -13.28
CA TYR A 80 9.75 9.32 -12.28
C TYR A 80 9.00 9.53 -10.97
N PHE A 81 8.31 8.49 -10.50
CA PHE A 81 7.58 8.51 -9.24
C PHE A 81 8.24 7.56 -8.25
N CYS A 82 8.15 7.90 -6.97
CA CYS A 82 8.60 7.03 -5.89
C CYS A 82 7.40 6.67 -5.03
N ALA A 83 7.24 5.38 -4.77
CA ALA A 83 6.08 4.84 -4.06
C ALA A 83 6.52 4.27 -2.73
N ALA A 84 5.93 4.76 -1.64
CA ALA A 84 6.30 4.38 -0.29
C ALA A 84 5.15 3.58 0.34
N SER A 85 5.44 2.31 0.68
CA SER A 85 4.44 1.43 1.27
C SER A 85 4.75 1.28 2.76
N SER A 86 3.87 1.85 3.60
CA SER A 86 4.08 1.79 5.04
C SER A 86 3.82 0.39 5.60
N GLY A 87 2.97 -0.39 4.93
CA GLY A 87 2.71 -1.75 5.34
C GLY A 87 2.63 -2.69 4.16
N SER A 88 1.84 -3.76 4.30
CA SER A 88 1.55 -4.64 3.17
C SER A 88 0.28 -4.25 2.43
N TRP A 89 -0.37 -3.16 2.83
CA TRP A 89 -1.65 -2.78 2.24
C TRP A 89 -1.65 -1.33 1.78
N GLN A 90 -0.90 -0.47 2.46
CA GLN A 90 -0.86 0.95 2.12
C GLN A 90 0.26 1.23 1.13
N LEU A 91 0.00 2.17 0.23
CA LEU A 91 1.01 2.58 -0.75
C LEU A 91 0.69 3.99 -1.22
N ILE A 92 1.68 4.88 -1.17
CA ILE A 92 1.49 6.29 -1.50
C ILE A 92 2.50 6.67 -2.58
N PHE A 93 2.02 7.34 -3.62
CA PHE A 93 2.84 7.79 -4.73
C PHE A 93 3.22 9.25 -4.56
N GLY A 94 4.42 9.60 -5.04
CA GLY A 94 4.94 10.94 -4.89
C GLY A 94 4.50 11.89 -5.99
N SER A 95 5.03 13.11 -5.93
CA SER A 95 4.69 14.13 -6.91
C SER A 95 5.23 13.79 -8.29
N GLY A 96 6.44 13.26 -8.35
CA GLY A 96 7.02 12.91 -9.63
C GLY A 96 7.85 14.03 -10.22
N THR A 97 8.88 13.65 -10.98
CA THR A 97 9.80 14.58 -11.59
C THR A 97 9.98 14.23 -13.05
N GLN A 98 10.00 15.25 -13.91
CA GLN A 98 10.16 15.06 -15.36
C GLN A 98 11.64 15.07 -15.71
N LEU A 99 12.13 13.95 -16.25
CA LEU A 99 13.50 13.84 -16.73
C LEU A 99 13.50 13.95 -18.25
N THR A 100 14.36 14.83 -18.78
CA THR A 100 14.49 15.04 -20.22
C THR A 100 15.95 14.85 -20.60
N VAL A 101 16.23 13.80 -21.36
CA VAL A 101 17.60 13.47 -21.74
C VAL A 101 17.89 14.14 -23.09
N MET A 102 18.70 15.18 -23.07
CA MET A 102 19.05 15.90 -24.28
C MET A 102 19.98 15.06 -25.15
N PRO A 103 19.82 15.09 -26.46
CA PRO A 103 20.72 14.33 -27.34
C PRO A 103 22.07 15.02 -27.46
N ASP A 104 23.07 14.22 -27.86
CA ASP A 104 24.42 14.73 -28.10
C ASP A 104 24.56 15.10 -29.57
N ILE A 105 24.64 16.40 -29.84
CA ILE A 105 24.82 16.91 -31.19
C ILE A 105 26.30 17.19 -31.38
N GLN A 106 26.96 16.37 -32.20
CA GLN A 106 28.39 16.56 -32.45
C GLN A 106 28.66 17.62 -33.50
N ASN A 107 27.74 17.82 -34.44
CA ASN A 107 27.91 18.78 -35.53
C ASN A 107 26.68 19.69 -35.60
N PRO A 108 26.62 20.70 -34.73
CA PRO A 108 25.52 21.66 -34.82
C PRO A 108 25.54 22.42 -36.14
N ASP A 109 24.35 22.76 -36.62
CA ASP A 109 24.20 23.51 -37.88
C ASP A 109 22.88 24.27 -37.84
N PRO A 110 22.78 25.30 -36.99
CA PRO A 110 21.51 26.00 -36.83
C PRO A 110 21.03 26.59 -38.15
N ALA A 111 19.72 26.47 -38.39
CA ALA A 111 19.13 26.95 -39.64
C ALA A 111 17.62 27.11 -39.43
N VAL A 112 17.05 28.08 -40.15
CA VAL A 112 15.62 28.37 -40.10
C VAL A 112 15.12 28.35 -41.54
N TYR A 113 14.56 27.22 -41.96
CA TYR A 113 14.06 27.07 -43.33
C TYR A 113 12.59 27.46 -43.40
N GLN A 114 12.05 27.45 -44.61
CA GLN A 114 10.64 27.69 -44.85
C GLN A 114 10.09 26.60 -45.77
N LEU A 115 8.92 26.08 -45.44
CA LEU A 115 8.31 24.98 -46.16
C LEU A 115 6.96 25.39 -46.72
N ARG A 116 6.58 24.77 -47.83
CA ARG A 116 5.33 25.10 -48.53
C ARG A 116 4.40 23.89 -48.50
N ASP A 117 3.11 24.17 -48.28
CA ASP A 117 2.10 23.11 -48.26
C ASP A 117 2.04 22.42 -49.60
N SER A 118 1.93 21.08 -49.57
CA SER A 118 1.91 20.28 -50.77
C SER A 118 0.54 20.30 -51.47
N LYS A 119 -0.51 20.74 -50.79
CA LYS A 119 -1.82 20.87 -51.43
C LYS A 119 -1.95 22.20 -52.15
N SER A 120 -1.44 23.27 -51.55
CA SER A 120 -1.49 24.59 -52.15
C SER A 120 -0.35 25.42 -51.58
N SER A 121 0.12 26.38 -52.38
CA SER A 121 1.26 27.20 -51.98
C SER A 121 0.88 28.34 -51.05
N ASP A 122 -0.39 28.48 -50.70
CA ASP A 122 -0.83 29.59 -49.85
C ASP A 122 -0.25 29.51 -48.45
N LYS A 123 -0.17 28.30 -47.88
CA LYS A 123 0.27 28.11 -46.50
C LYS A 123 1.76 27.79 -46.44
N SER A 124 2.40 28.25 -45.37
CA SER A 124 3.84 28.07 -45.19
C SER A 124 4.16 27.99 -43.71
N VAL A 125 5.25 27.26 -43.40
CA VAL A 125 5.73 27.09 -42.03
C VAL A 125 7.23 27.32 -42.00
N CYS A 126 7.73 27.64 -40.80
CA CYS A 126 9.15 27.85 -40.57
C CYS A 126 9.70 26.75 -39.66
N LEU A 127 10.87 26.23 -40.03
CA LEU A 127 11.49 25.11 -39.32
C LEU A 127 12.85 25.53 -38.78
N PHE A 128 12.99 25.51 -37.46
CA PHE A 128 14.27 25.69 -36.79
C PHE A 128 14.82 24.31 -36.47
N THR A 129 15.94 23.93 -37.10
CA THR A 129 16.44 22.57 -37.00
C THR A 129 17.96 22.58 -36.84
N ASP A 130 18.47 21.41 -36.45
CA ASP A 130 19.90 21.10 -36.40
C ASP A 130 20.67 21.92 -35.37
N PHE A 131 19.98 22.55 -34.42
CA PHE A 131 20.67 23.22 -33.33
C PHE A 131 20.99 22.23 -32.21
N ASP A 132 21.90 22.63 -31.33
CA ASP A 132 22.38 21.75 -30.28
C ASP A 132 21.39 21.71 -29.12
N SER A 133 21.76 20.96 -28.07
CA SER A 133 20.88 20.80 -26.92
C SER A 133 20.84 22.03 -26.03
N GLN A 134 21.85 22.90 -26.11
CA GLN A 134 21.87 24.08 -25.24
C GLN A 134 20.75 25.05 -25.60
N THR A 135 20.45 25.21 -26.88
CA THR A 135 19.44 26.16 -27.31
C THR A 135 18.06 25.77 -26.79
N ASN A 136 17.32 26.76 -26.31
CA ASN A 136 15.96 26.57 -25.82
C ASN A 136 14.99 27.43 -26.63
N VAL A 137 13.80 26.89 -26.88
CA VAL A 137 12.81 27.54 -27.73
C VAL A 137 11.82 28.30 -26.85
N SER A 138 11.47 29.51 -27.28
CA SER A 138 10.59 30.39 -26.52
C SER A 138 9.26 30.56 -27.24
N GLN A 139 8.18 30.59 -26.46
CA GLN A 139 6.82 30.78 -26.97
C GLN A 139 6.49 32.26 -26.91
N SER A 140 6.51 32.93 -28.08
CA SER A 140 6.33 34.38 -28.11
C SER A 140 4.88 34.79 -27.84
N LYS A 141 3.91 34.00 -28.32
CA LYS A 141 2.48 34.24 -28.07
C LYS A 141 2.05 35.61 -28.57
N ASP A 142 2.30 35.88 -29.86
CA ASP A 142 1.86 37.16 -30.43
C ASP A 142 0.49 37.04 -31.09
N SER A 143 -0.43 36.41 -30.36
CA SER A 143 -1.88 36.42 -30.60
C SER A 143 -2.32 35.72 -31.88
N ASP A 144 -1.37 35.45 -32.79
CA ASP A 144 -1.60 34.59 -33.95
C ASP A 144 -0.46 33.63 -34.26
N VAL A 145 0.72 33.81 -33.68
CA VAL A 145 1.86 32.95 -33.99
C VAL A 145 1.90 31.79 -33.01
N TYR A 146 2.22 30.61 -33.53
CA TYR A 146 2.31 29.39 -32.73
C TYR A 146 3.70 28.80 -32.88
N ILE A 147 4.35 28.48 -31.77
CA ILE A 147 5.68 27.89 -31.78
C ILE A 147 5.64 26.62 -30.93
N THR A 148 6.14 25.52 -31.50
CA THR A 148 6.14 24.24 -30.81
C THR A 148 7.42 24.06 -30.00
N ASP A 149 7.44 23.05 -29.13
CA ASP A 149 8.67 22.76 -28.35
C ASP A 149 9.59 21.88 -29.18
N LYS A 150 10.83 21.77 -28.71
CA LYS A 150 11.90 21.04 -29.43
C LYS A 150 11.64 19.57 -29.39
N CYS A 151 12.13 18.86 -30.39
CA CYS A 151 11.79 17.43 -30.46
C CYS A 151 12.89 16.73 -31.24
N VAL A 152 13.54 15.75 -30.61
CA VAL A 152 14.73 15.12 -31.23
C VAL A 152 14.33 13.99 -32.17
N LEU A 153 14.83 14.02 -33.41
CA LEU A 153 14.58 12.88 -34.32
C LEU A 153 15.86 12.06 -34.36
N ASP A 154 15.73 10.75 -34.57
CA ASP A 154 16.95 9.91 -34.69
C ASP A 154 16.94 9.20 -36.02
N MET A 155 17.82 9.63 -36.93
CA MET A 155 18.02 8.86 -38.16
C MET A 155 18.92 7.68 -37.80
N ARG A 156 18.27 6.62 -37.31
CA ARG A 156 19.00 5.52 -36.67
C ARG A 156 19.93 4.82 -37.65
N SER A 157 19.47 4.60 -38.89
CA SER A 157 20.31 3.94 -39.88
C SER A 157 21.52 4.78 -40.24
N MET A 158 21.33 6.09 -40.41
CA MET A 158 22.40 7.00 -40.81
C MET A 158 23.20 7.51 -39.62
N ASP A 159 22.79 7.19 -38.39
CA ASP A 159 23.47 7.62 -37.18
C ASP A 159 23.55 9.15 -37.12
N PHE A 160 22.38 9.78 -37.10
CA PHE A 160 22.28 11.23 -37.02
C PHE A 160 21.09 11.60 -36.15
N LYS A 161 21.31 12.55 -35.24
CA LYS A 161 20.27 13.08 -34.38
C LYS A 161 20.24 14.60 -34.53
N SER A 162 19.04 15.17 -34.46
CA SER A 162 18.88 16.61 -34.62
C SER A 162 17.64 17.08 -33.88
N ASN A 163 17.74 18.27 -33.28
CA ASN A 163 16.59 18.92 -32.67
C ASN A 163 15.86 19.75 -33.72
N SER A 164 14.57 19.98 -33.49
CA SER A 164 13.76 20.71 -34.44
C SER A 164 12.56 21.34 -33.74
N ALA A 165 12.09 22.45 -34.31
CA ALA A 165 10.91 23.14 -33.80
C ALA A 165 10.21 23.81 -34.98
N VAL A 166 8.91 24.10 -34.80
CA VAL A 166 8.05 24.56 -35.87
C VAL A 166 7.34 25.83 -35.44
N ALA A 167 7.20 26.78 -36.37
CA ALA A 167 6.43 28.00 -36.14
C ALA A 167 5.52 28.25 -37.35
N TRP A 168 4.35 28.82 -37.07
CA TRP A 168 3.42 29.17 -38.14
C TRP A 168 2.38 30.15 -37.62
N SER A 169 1.88 30.99 -38.54
CA SER A 169 0.76 31.88 -38.28
C SER A 169 -0.14 31.86 -39.51
N ASN A 170 -1.25 32.61 -39.45
CA ASN A 170 -2.24 32.59 -40.51
C ASN A 170 -2.52 34.00 -41.04
N LYS A 171 -1.55 34.90 -40.91
CA LYS A 171 -1.69 36.28 -41.37
C LYS A 171 -0.40 36.71 -42.07
N SER A 172 -0.39 37.95 -42.54
CA SER A 172 0.84 38.58 -43.00
C SER A 172 1.55 39.15 -41.78
N ASP A 173 2.57 39.98 -42.02
CA ASP A 173 3.45 40.48 -40.94
C ASP A 173 4.12 39.32 -40.22
N PHE A 174 4.34 38.22 -40.94
CA PHE A 174 4.94 37.01 -40.39
C PHE A 174 5.98 36.50 -41.36
N ALA A 175 7.23 36.42 -40.91
CA ALA A 175 8.32 35.91 -41.72
C ALA A 175 9.16 34.96 -40.89
N CYS A 176 9.84 34.03 -41.56
CA CYS A 176 10.71 33.10 -40.86
C CYS A 176 11.92 33.80 -40.24
N ALA A 177 12.21 35.03 -40.66
CA ALA A 177 13.33 35.77 -40.10
C ALA A 177 13.02 36.31 -38.70
N ASN A 178 11.75 36.53 -38.37
CA ASN A 178 11.37 37.07 -37.07
C ASN A 178 10.59 36.11 -36.20
N ALA A 179 10.09 35.00 -36.75
CA ALA A 179 9.30 34.06 -35.97
C ALA A 179 10.12 33.51 -34.80
N PHE A 180 11.29 32.95 -35.09
CA PHE A 180 12.25 32.59 -34.05
C PHE A 180 13.11 33.83 -33.80
N ASN A 181 12.70 34.63 -32.83
CA ASN A 181 13.46 35.82 -32.47
C ASN A 181 14.83 35.42 -31.93
N ASN A 182 15.70 36.43 -31.80
CA ASN A 182 17.07 36.17 -31.35
C ASN A 182 17.16 35.73 -29.89
N SER A 183 16.02 35.49 -29.23
CA SER A 183 15.98 35.02 -27.85
C SER A 183 15.37 33.62 -27.84
N ILE A 184 16.21 32.58 -27.84
CA ILE A 184 17.66 32.72 -27.96
C ILE A 184 18.18 31.78 -29.04
N ILE A 185 18.62 32.34 -30.16
CA ILE A 185 19.17 31.53 -31.25
C ILE A 185 20.68 31.76 -31.33
N PRO A 186 21.46 30.80 -31.80
CA PRO A 186 22.90 31.03 -31.97
C PRO A 186 23.17 32.12 -33.01
N GLU A 187 24.31 32.80 -32.83
CA GLU A 187 24.66 33.90 -33.73
C GLU A 187 24.84 33.41 -35.16
N ASP A 188 25.35 32.19 -35.35
CA ASP A 188 25.60 31.64 -36.68
C ASP A 188 24.43 30.85 -37.22
N THR A 189 23.20 31.19 -36.83
CA THR A 189 22.03 30.50 -37.35
C THR A 189 21.85 30.83 -38.83
N PHE A 190 21.76 29.79 -39.66
CA PHE A 190 21.70 29.97 -41.11
C PHE A 190 20.30 30.40 -41.52
N PHE A 191 20.20 31.59 -42.11
CA PHE A 191 18.92 32.13 -42.55
C PHE A 191 18.92 32.23 -44.08
N PRO A 192 18.29 31.30 -44.78
CA PRO A 192 18.34 31.32 -46.24
C PRO A 192 17.58 32.50 -46.83
N SER A 193 17.92 32.82 -48.08
CA SER A 193 17.24 33.86 -48.82
C SER A 193 16.31 33.22 -49.85
N PRO A 194 14.98 33.22 -49.62
CA PRO A 194 14.01 32.61 -50.53
C PRO A 194 13.95 33.30 -51.88
N GLY B 1 0.85 -8.55 -20.87
CA GLY B 1 0.70 -7.72 -19.69
C GLY B 1 -0.75 -7.45 -19.32
N VAL B 2 -1.01 -6.26 -18.76
CA VAL B 2 -2.35 -5.88 -18.33
C VAL B 2 -3.07 -5.21 -19.49
N ILE B 3 -4.30 -5.65 -19.75
CA ILE B 3 -5.09 -5.20 -20.89
C ILE B 3 -6.22 -4.32 -20.37
N GLN B 4 -6.32 -3.11 -20.91
CA GLN B 4 -7.43 -2.21 -20.61
C GLN B 4 -8.15 -1.83 -21.89
N THR B 5 -9.48 -1.87 -21.84
CA THR B 5 -10.34 -1.36 -22.90
C THR B 5 -11.40 -0.46 -22.27
N PRO B 6 -11.81 0.62 -22.95
CA PRO B 6 -11.26 1.06 -24.24
C PRO B 6 -9.99 1.87 -24.06
N ARG B 7 -9.17 1.94 -25.12
CA ARG B 7 -7.99 2.80 -25.06
C ARG B 7 -8.38 4.27 -24.93
N HIS B 8 -9.43 4.67 -25.65
CA HIS B 8 -9.99 6.01 -25.55
C HIS B 8 -11.50 5.91 -25.43
N LYS B 9 -12.11 6.94 -24.83
CA LYS B 9 -13.57 7.02 -24.77
C LYS B 9 -13.95 8.48 -24.59
N VAL B 10 -14.59 9.06 -25.60
CA VAL B 10 -15.19 10.39 -25.52
C VAL B 10 -16.70 10.22 -25.52
N THR B 11 -17.35 10.78 -24.50
CA THR B 11 -18.78 10.63 -24.35
C THR B 11 -19.38 11.91 -23.81
N GLY B 12 -20.67 12.12 -24.10
CA GLY B 12 -21.37 13.26 -23.57
C GLY B 12 -21.73 13.09 -22.10
N LYS B 13 -22.06 14.21 -21.48
CA LYS B 13 -22.43 14.21 -20.08
C LYS B 13 -23.76 13.49 -19.85
N GLY B 14 -23.80 12.64 -18.83
CA GLY B 14 -25.02 11.97 -18.43
C GLY B 14 -25.11 10.51 -18.83
N GLN B 15 -24.16 10.00 -19.61
CA GLN B 15 -24.21 8.61 -20.07
C GLN B 15 -23.59 7.69 -19.01
N GLU B 16 -23.45 6.41 -19.34
CA GLU B 16 -22.78 5.44 -18.49
C GLU B 16 -21.51 4.96 -19.18
N ALA B 17 -20.39 5.05 -18.48
CA ALA B 17 -19.11 4.60 -18.98
C ALA B 17 -18.66 3.37 -18.20
N THR B 18 -18.36 2.29 -18.91
CA THR B 18 -17.88 1.05 -18.32
C THR B 18 -16.46 0.82 -18.77
N LEU B 19 -15.53 0.72 -17.82
CA LEU B 19 -14.14 0.42 -18.09
C LEU B 19 -13.87 -1.06 -17.85
N TRP B 20 -13.04 -1.65 -18.69
CA TRP B 20 -12.75 -3.08 -18.65
C TRP B 20 -11.25 -3.29 -18.49
N CYS B 21 -10.88 -4.22 -17.60
CA CYS B 21 -9.49 -4.52 -17.33
C CYS B 21 -9.30 -6.02 -17.18
N GLU B 22 -8.35 -6.58 -17.93
CA GLU B 22 -7.96 -7.97 -17.77
C GLU B 22 -6.57 -8.02 -17.14
N PRO B 23 -6.46 -8.39 -15.86
CA PRO B 23 -5.13 -8.49 -15.25
C PRO B 23 -4.38 -9.72 -15.74
N ILE B 24 -3.09 -9.75 -15.42
CA ILE B 24 -2.25 -10.88 -15.79
C ILE B 24 -2.74 -12.12 -15.03
N SER B 25 -2.95 -13.21 -15.76
CA SER B 25 -3.55 -14.40 -15.16
C SER B 25 -2.67 -14.93 -14.03
N GLY B 26 -3.30 -15.21 -12.89
CA GLY B 26 -2.63 -15.69 -11.70
C GLY B 26 -2.47 -14.64 -10.62
N HIS B 27 -2.38 -13.36 -11.02
CA HIS B 27 -2.25 -12.29 -10.04
C HIS B 27 -3.49 -12.20 -9.16
N SER B 28 -3.28 -11.94 -7.87
CA SER B 28 -4.34 -11.98 -6.88
C SER B 28 -4.72 -10.59 -6.37
N ALA B 29 -4.31 -9.54 -7.07
CA ALA B 29 -4.69 -8.17 -6.71
C ALA B 29 -4.92 -7.36 -7.96
N VAL B 30 -5.87 -6.42 -7.87
CA VAL B 30 -6.17 -5.48 -8.94
C VAL B 30 -6.30 -4.09 -8.33
N PHE B 31 -5.64 -3.11 -8.94
CA PHE B 31 -5.66 -1.73 -8.48
C PHE B 31 -6.28 -0.84 -9.55
N TRP B 32 -6.96 0.20 -9.10
CA TRP B 32 -7.51 1.21 -9.99
C TRP B 32 -6.97 2.59 -9.60
N TYR B 33 -6.36 3.27 -10.56
CA TYR B 33 -5.84 4.61 -10.38
C TYR B 33 -6.36 5.51 -11.48
N ARG B 34 -6.58 6.78 -11.15
CA ARG B 34 -6.85 7.79 -12.16
C ARG B 34 -5.79 8.88 -12.04
N GLN B 35 -5.55 9.57 -13.15
CA GLN B 35 -4.47 10.54 -13.23
C GLN B 35 -4.96 11.76 -14.01
N THR B 36 -5.02 12.90 -13.33
CA THR B 36 -5.46 14.15 -13.94
C THR B 36 -4.32 15.01 -14.46
N ILE B 37 -3.21 15.04 -13.75
CA ILE B 37 -2.02 15.80 -14.13
C ILE B 37 -0.90 14.80 -14.38
N VAL B 38 0.04 15.18 -15.25
CA VAL B 38 1.21 14.35 -15.52
C VAL B 38 1.95 14.01 -14.23
N GLN B 39 1.74 14.78 -13.18
CA GLN B 39 2.31 14.54 -11.85
C GLN B 39 1.53 13.44 -11.13
N GLY B 40 1.74 13.32 -9.82
CA GLY B 40 1.24 12.20 -9.01
C GLY B 40 -0.12 11.60 -9.33
N LEU B 41 -0.20 10.27 -9.22
CA LEU B 41 -1.41 9.51 -9.47
C LEU B 41 -2.40 9.68 -8.32
N GLU B 42 -3.59 9.11 -8.51
CA GLU B 42 -4.63 9.11 -7.50
C GLU B 42 -5.20 7.71 -7.38
N PHE B 43 -5.23 7.19 -6.15
CA PHE B 43 -5.70 5.84 -5.89
C PHE B 43 -7.22 5.81 -5.79
N LEU B 44 -7.83 4.76 -6.35
CA LEU B 44 -9.28 4.62 -6.34
C LEU B 44 -9.75 3.43 -5.50
N THR B 45 -9.32 2.22 -5.84
CA THR B 45 -9.81 1.02 -5.16
C THR B 45 -8.79 -0.09 -5.35
N TYR B 46 -8.95 -1.15 -4.55
CA TYR B 46 -7.95 -2.22 -4.50
C TYR B 46 -8.61 -3.50 -4.00
N PHE B 47 -8.44 -4.58 -4.77
CA PHE B 47 -9.00 -5.89 -4.47
C PHE B 47 -7.90 -6.88 -4.14
N ARG B 48 -8.31 -7.98 -3.49
CA ARG B 48 -7.44 -9.15 -3.34
C ARG B 48 -8.32 -10.39 -3.31
N ASN B 49 -8.05 -11.33 -4.22
CA ASN B 49 -8.84 -12.55 -4.36
C ASN B 49 -10.32 -12.22 -4.53
N GLN B 50 -10.60 -11.23 -5.38
CA GLN B 50 -11.94 -10.74 -5.69
C GLN B 50 -12.63 -10.08 -4.51
N ALA B 51 -11.91 -9.80 -3.42
CA ALA B 51 -12.48 -9.20 -2.23
C ALA B 51 -11.91 -7.81 -2.01
N PRO B 52 -12.74 -6.78 -1.92
CA PRO B 52 -12.22 -5.42 -1.75
C PRO B 52 -11.47 -5.26 -0.45
N ILE B 53 -10.45 -4.40 -0.47
CA ILE B 53 -9.59 -4.12 0.68
C ILE B 53 -9.62 -2.64 1.04
N ASP B 54 -9.46 -1.76 0.06
CA ASP B 54 -9.45 -0.33 0.29
C ASP B 54 -10.11 0.36 -0.89
N ASP B 55 -11.12 1.19 -0.62
CA ASP B 55 -11.76 2.00 -1.65
C ASP B 55 -11.89 3.45 -1.18
N SER B 56 -10.95 3.90 -0.35
CA SER B 56 -11.02 5.24 0.22
C SER B 56 -10.88 6.33 -0.84
N GLY B 57 -10.30 6.02 -2.00
CA GLY B 57 -10.13 7.00 -3.04
C GLY B 57 -11.26 7.11 -4.04
N MET B 58 -12.18 6.15 -4.05
CA MET B 58 -13.31 6.21 -4.96
C MET B 58 -14.20 7.39 -4.61
N PRO B 59 -14.69 8.13 -5.60
CA PRO B 59 -15.68 9.18 -5.31
C PRO B 59 -16.91 8.57 -4.66
N LYS B 60 -17.47 9.31 -3.71
CA LYS B 60 -18.55 8.76 -2.88
C LYS B 60 -19.78 8.40 -3.70
N GLU B 61 -19.98 9.06 -4.85
CA GLU B 61 -21.20 8.91 -5.62
C GLU B 61 -20.88 8.65 -7.08
N ARG B 62 -21.78 7.93 -7.74
CA ARG B 62 -21.76 7.66 -9.19
C ARG B 62 -20.67 6.70 -9.59
N PHE B 63 -19.79 6.32 -8.67
CA PHE B 63 -18.63 5.49 -8.98
C PHE B 63 -18.80 4.11 -8.37
N SER B 64 -18.58 3.08 -9.18
CA SER B 64 -18.78 1.70 -8.76
C SER B 64 -17.74 0.83 -9.44
N ALA B 65 -17.04 0.01 -8.65
CA ALA B 65 -16.00 -0.87 -9.15
C ALA B 65 -16.35 -2.32 -8.81
N GLN B 66 -16.21 -3.20 -9.79
CA GLN B 66 -16.58 -4.61 -9.63
C GLN B 66 -15.46 -5.51 -10.12
N MET B 67 -15.40 -6.71 -9.56
CA MET B 67 -14.48 -7.75 -10.01
C MET B 67 -15.26 -9.06 -10.09
N PRO B 68 -15.97 -9.28 -11.20
CA PRO B 68 -16.86 -10.46 -11.28
C PRO B 68 -16.15 -11.79 -11.09
N ASN B 69 -14.92 -11.92 -11.58
CA ASN B 69 -14.16 -13.15 -11.42
C ASN B 69 -12.68 -12.78 -11.29
N GLN B 70 -11.85 -13.80 -11.10
CA GLN B 70 -10.42 -13.57 -10.90
C GLN B 70 -9.75 -12.95 -12.12
N SER B 71 -10.35 -13.08 -13.30
CA SER B 71 -9.68 -12.71 -14.54
C SER B 71 -10.15 -11.38 -15.12
N HIS B 72 -11.11 -10.71 -14.50
CA HIS B 72 -11.63 -9.48 -15.08
C HIS B 72 -12.02 -8.51 -13.97
N SER B 73 -12.00 -7.21 -14.30
CA SER B 73 -12.39 -6.16 -13.38
C SER B 73 -13.00 -5.02 -14.17
N THR B 74 -14.02 -4.38 -13.60
CA THR B 74 -14.73 -3.29 -14.28
C THR B 74 -14.87 -2.10 -13.35
N LEU B 75 -14.86 -0.91 -13.94
CA LEU B 75 -15.11 0.35 -13.24
C LEU B 75 -16.22 1.09 -13.96
N LYS B 76 -17.23 1.53 -13.21
CA LYS B 76 -18.45 2.10 -13.79
C LYS B 76 -18.71 3.49 -13.22
N ILE B 77 -18.85 4.46 -14.11
CA ILE B 77 -19.33 5.80 -13.75
C ILE B 77 -20.77 5.90 -14.23
N GLN B 78 -21.71 6.01 -13.29
CA GLN B 78 -23.12 5.88 -13.64
C GLN B 78 -23.63 7.12 -14.38
N SER B 79 -23.27 8.31 -13.90
CA SER B 79 -23.67 9.57 -14.55
C SER B 79 -22.40 10.32 -14.89
N THR B 80 -21.97 10.20 -16.15
CA THR B 80 -20.73 10.83 -16.58
C THR B 80 -20.81 12.34 -16.41
N GLN B 81 -19.77 12.93 -15.84
CA GLN B 81 -19.66 14.37 -15.64
C GLN B 81 -18.30 14.83 -16.12
N PRO B 82 -18.19 16.08 -16.58
CA PRO B 82 -16.89 16.58 -17.06
C PRO B 82 -15.81 16.62 -15.99
N GLN B 83 -16.17 16.48 -14.71
CA GLN B 83 -15.19 16.44 -13.64
C GLN B 83 -14.59 15.05 -13.44
N ASP B 84 -15.06 14.05 -14.19
CA ASP B 84 -14.52 12.71 -14.12
C ASP B 84 -13.48 12.41 -15.19
N SER B 85 -13.18 13.38 -16.04
CA SER B 85 -12.21 13.16 -17.11
C SER B 85 -10.82 12.98 -16.53
N ALA B 86 -10.16 11.88 -16.90
CA ALA B 86 -8.82 11.55 -16.44
C ALA B 86 -8.38 10.31 -17.20
N VAL B 87 -7.14 9.88 -16.93
CA VAL B 87 -6.62 8.62 -17.45
C VAL B 87 -6.74 7.59 -16.34
N TYR B 88 -7.48 6.52 -16.60
CA TYR B 88 -7.76 5.51 -15.59
C TYR B 88 -6.86 4.29 -15.84
N LEU B 89 -6.14 3.89 -14.80
CA LEU B 89 -5.08 2.90 -14.92
C LEU B 89 -5.40 1.68 -14.06
N CYS B 90 -5.12 0.50 -14.61
CA CYS B 90 -5.35 -0.78 -13.95
C CYS B 90 -4.03 -1.50 -13.75
N ALA B 91 -3.79 -1.98 -12.54
CA ALA B 91 -2.53 -2.65 -12.21
C ALA B 91 -2.81 -3.92 -11.41
N SER B 92 -1.93 -4.90 -11.55
CA SER B 92 -2.06 -6.17 -10.85
C SER B 92 -0.73 -6.59 -10.26
N SER B 93 -0.77 -7.12 -9.04
CA SER B 93 0.40 -7.67 -8.37
C SER B 93 0.06 -9.04 -7.82
N LEU B 94 1.07 -9.90 -7.77
CA LEU B 94 0.88 -11.27 -7.29
C LEU B 94 1.00 -11.30 -5.77
N GLU B 95 0.30 -12.27 -5.17
CA GLU B 95 0.15 -12.41 -3.71
C GLU B 95 -0.57 -11.21 -3.08
N GLY B 96 -0.99 -10.25 -3.89
CA GLY B 96 -1.85 -9.19 -3.42
C GLY B 96 -1.18 -8.11 -2.60
N THR B 97 0.15 -8.12 -2.48
CA THR B 97 0.84 -7.17 -1.62
C THR B 97 1.24 -5.92 -2.41
N VAL B 98 1.22 -4.78 -1.71
CA VAL B 98 1.72 -3.54 -2.29
C VAL B 98 3.22 -3.38 -2.09
N GLU B 99 3.87 -4.30 -1.38
CA GLU B 99 5.33 -4.34 -1.27
C GLU B 99 5.96 -5.19 -2.37
N GLU B 100 5.31 -5.27 -3.53
CA GLU B 100 5.75 -6.12 -4.62
C GLU B 100 5.79 -5.34 -5.93
N THR B 101 5.98 -6.02 -7.04
CA THR B 101 6.04 -5.37 -8.35
C THR B 101 4.63 -5.14 -8.87
N LEU B 102 4.30 -3.89 -9.19
CA LEU B 102 3.01 -3.53 -9.76
C LEU B 102 3.13 -3.43 -11.28
N TYR B 103 2.34 -4.23 -11.98
CA TYR B 103 2.33 -4.24 -13.44
C TYR B 103 1.11 -3.47 -13.92
N PHE B 104 1.34 -2.36 -14.62
CA PHE B 104 0.28 -1.47 -15.03
C PHE B 104 -0.19 -1.77 -16.46
N GLY B 105 -1.44 -1.44 -16.73
CA GLY B 105 -1.95 -1.48 -18.08
C GLY B 105 -1.67 -0.20 -18.84
N SER B 106 -2.03 -0.21 -20.13
CA SER B 106 -1.82 0.97 -20.96
C SER B 106 -2.70 2.14 -20.53
N GLY B 107 -3.79 1.87 -19.82
CA GLY B 107 -4.66 2.91 -19.31
C GLY B 107 -5.78 3.25 -20.28
N THR B 108 -6.85 3.81 -19.71
CA THR B 108 -8.01 4.29 -20.47
C THR B 108 -8.08 5.80 -20.35
N ARG B 109 -8.06 6.48 -21.50
CA ARG B 109 -8.19 7.94 -21.53
C ARG B 109 -9.66 8.28 -21.74
N LEU B 110 -10.28 8.85 -20.71
CA LEU B 110 -11.70 9.17 -20.73
C LEU B 110 -11.87 10.68 -20.61
N THR B 111 -12.54 11.27 -21.60
CA THR B 111 -12.88 12.69 -21.59
C THR B 111 -14.39 12.82 -21.68
N VAL B 112 -14.99 13.48 -20.69
CA VAL B 112 -16.42 13.74 -20.67
C VAL B 112 -16.62 15.23 -20.94
N LEU B 113 -17.46 15.54 -21.92
CA LEU B 113 -17.67 16.90 -22.39
C LEU B 113 -19.07 17.37 -22.04
N GLU B 114 -19.18 18.62 -21.57
CA GLU B 114 -20.49 19.18 -21.27
C GLU B 114 -21.25 19.51 -22.56
N ASP B 115 -20.67 20.37 -23.39
CA ASP B 115 -21.24 20.68 -24.69
C ASP B 115 -20.58 19.79 -25.74
N LEU B 116 -21.35 18.86 -26.29
CA LEU B 116 -20.83 17.89 -27.25
C LEU B 116 -20.74 18.46 -28.65
N LYS B 117 -21.19 19.69 -28.87
CA LYS B 117 -21.09 20.35 -30.17
C LYS B 117 -19.70 20.94 -30.41
N ASN B 118 -18.83 20.91 -29.41
CA ASN B 118 -17.48 21.44 -29.54
C ASN B 118 -16.52 20.46 -30.20
N VAL B 119 -16.94 19.23 -30.47
CA VAL B 119 -16.05 18.23 -31.03
C VAL B 119 -15.81 18.53 -32.50
N PHE B 120 -14.54 18.50 -32.91
CA PHE B 120 -14.16 18.85 -34.27
C PHE B 120 -13.00 17.97 -34.72
N PRO B 121 -13.10 17.31 -35.86
CA PRO B 121 -11.98 16.51 -36.38
C PRO B 121 -10.84 17.41 -36.84
N PRO B 122 -9.61 16.91 -36.84
CA PRO B 122 -8.47 17.74 -37.21
C PRO B 122 -8.33 17.94 -38.71
N GLU B 123 -7.57 18.95 -39.07
CA GLU B 123 -7.21 19.23 -40.46
C GLU B 123 -5.72 18.94 -40.63
N VAL B 124 -5.41 17.95 -41.48
CA VAL B 124 -4.05 17.46 -41.64
C VAL B 124 -3.47 18.04 -42.93
N ALA B 125 -2.28 18.63 -42.82
CA ALA B 125 -1.58 19.20 -43.96
C ALA B 125 -0.10 18.86 -43.88
N VAL B 126 0.48 18.49 -45.02
CA VAL B 126 1.88 18.09 -45.10
C VAL B 126 2.65 19.17 -45.85
N PHE B 127 3.76 19.60 -45.29
CA PHE B 127 4.61 20.64 -45.87
C PHE B 127 5.89 20.02 -46.41
N GLU B 128 6.26 20.40 -47.63
CA GLU B 128 7.36 19.83 -48.40
C GLU B 128 8.69 20.46 -47.99
N PRO B 129 9.77 19.69 -48.00
CA PRO B 129 11.06 20.22 -47.51
C PRO B 129 11.57 21.36 -48.37
N SER B 130 12.26 22.29 -47.72
CA SER B 130 12.82 23.44 -48.43
C SER B 130 14.02 23.01 -49.26
N GLU B 131 14.19 23.64 -50.42
CA GLU B 131 15.40 23.43 -51.22
C GLU B 131 16.64 23.95 -50.52
N ALA B 132 16.49 24.91 -49.61
CA ALA B 132 17.63 25.38 -48.83
C ALA B 132 18.19 24.28 -47.94
N GLU B 133 17.31 23.51 -47.30
CA GLU B 133 17.76 22.40 -46.49
C GLU B 133 18.43 21.32 -47.34
N ILE B 134 17.86 21.04 -48.51
CA ILE B 134 18.41 20.00 -49.37
C ILE B 134 19.80 20.37 -49.85
N SER B 135 20.08 21.67 -49.99
CA SER B 135 21.40 22.12 -50.41
C SER B 135 22.36 22.33 -49.25
N HIS B 136 21.86 22.70 -48.07
CA HIS B 136 22.74 23.01 -46.95
C HIS B 136 23.14 21.75 -46.19
N THR B 137 22.16 20.96 -45.76
CA THR B 137 22.42 19.77 -44.95
C THR B 137 22.24 18.48 -45.73
N GLN B 138 21.82 18.54 -46.99
CA GLN B 138 21.61 17.37 -47.84
C GLN B 138 20.63 16.39 -47.20
N LYS B 139 19.61 16.93 -46.53
CA LYS B 139 18.56 16.14 -45.91
C LYS B 139 17.22 16.79 -46.24
N ALA B 140 16.14 16.07 -45.94
CA ALA B 140 14.79 16.56 -46.24
C ALA B 140 13.90 16.31 -45.03
N THR B 141 13.41 17.39 -44.42
CA THR B 141 12.52 17.31 -43.27
C THR B 141 11.12 17.70 -43.70
N LEU B 142 10.21 16.74 -43.67
CA LEU B 142 8.80 16.99 -43.93
C LEU B 142 8.10 17.35 -42.63
N VAL B 143 7.15 18.28 -42.70
CA VAL B 143 6.45 18.79 -41.53
C VAL B 143 4.96 18.54 -41.69
N CYS B 144 4.34 18.02 -40.65
CA CYS B 144 2.90 17.75 -40.62
C CYS B 144 2.25 18.58 -39.54
N LEU B 145 1.14 19.24 -39.88
CA LEU B 145 0.34 20.00 -38.92
C LEU B 145 -1.07 19.42 -38.88
N ALA B 146 -1.53 19.08 -37.68
CA ALA B 146 -2.92 18.73 -37.44
C ALA B 146 -3.55 19.93 -36.74
N THR B 147 -4.31 20.72 -37.48
CA THR B 147 -4.85 21.98 -36.99
C THR B 147 -6.34 21.82 -36.73
N GLY B 148 -6.78 22.27 -35.56
CA GLY B 148 -8.19 22.36 -35.28
C GLY B 148 -8.91 21.08 -34.89
N PHE B 149 -8.58 20.52 -33.72
CA PHE B 149 -9.31 19.37 -33.19
C PHE B 149 -9.61 19.58 -31.71
N TYR B 150 -10.69 18.92 -31.26
CA TYR B 150 -11.18 18.94 -29.88
C TYR B 150 -11.98 17.66 -29.67
N PRO B 151 -11.71 16.90 -28.60
CA PRO B 151 -10.69 17.14 -27.58
C PRO B 151 -9.30 16.67 -28.03
N ASP B 152 -8.36 16.59 -27.08
CA ASP B 152 -6.97 16.27 -27.38
C ASP B 152 -6.74 14.75 -27.42
N HIS B 153 -7.46 14.08 -28.31
CA HIS B 153 -7.37 12.63 -28.49
C HIS B 153 -6.93 12.36 -29.92
N VAL B 154 -5.60 12.33 -30.15
CA VAL B 154 -5.04 12.12 -31.48
C VAL B 154 -3.90 11.11 -31.40
N GLU B 155 -3.57 10.54 -32.57
CA GLU B 155 -2.49 9.56 -32.69
C GLU B 155 -1.93 9.68 -34.10
N LEU B 156 -0.76 10.32 -34.23
CA LEU B 156 -0.16 10.62 -35.51
C LEU B 156 0.83 9.53 -35.91
N SER B 157 0.79 9.14 -37.19
CA SER B 157 1.69 8.12 -37.71
C SER B 157 2.14 8.51 -39.12
N TRP B 158 3.43 8.32 -39.39
CA TRP B 158 4.02 8.61 -40.69
C TRP B 158 4.10 7.33 -41.51
N TRP B 159 3.64 7.39 -42.76
CA TRP B 159 3.60 6.22 -43.64
C TRP B 159 4.31 6.55 -44.94
N VAL B 160 5.20 5.67 -45.38
CA VAL B 160 5.80 5.76 -46.71
C VAL B 160 5.53 4.45 -47.43
N ASN B 161 4.99 4.55 -48.65
CA ASN B 161 4.77 3.41 -49.53
C ASN B 161 3.97 2.31 -48.83
N GLY B 162 3.03 2.70 -47.98
CA GLY B 162 2.18 1.75 -47.29
C GLY B 162 2.77 1.09 -46.08
N LYS B 163 3.93 1.55 -45.60
CA LYS B 163 4.56 1.00 -44.40
C LYS B 163 4.91 2.13 -43.45
N GLU B 164 4.53 1.98 -42.18
CA GLU B 164 4.80 3.03 -41.20
C GLU B 164 6.29 3.09 -40.89
N VAL B 165 6.81 4.30 -40.79
CA VAL B 165 8.22 4.53 -40.45
C VAL B 165 8.31 5.20 -39.09
N HIS B 166 9.38 4.86 -38.37
CA HIS B 166 9.68 5.47 -37.09
C HIS B 166 11.02 6.16 -37.05
N SER B 167 11.84 5.92 -38.06
CA SER B 167 13.17 6.57 -38.14
C SER B 167 13.01 7.99 -38.67
N GLY B 168 13.43 8.98 -37.89
CA GLY B 168 13.37 10.38 -38.32
C GLY B 168 12.08 11.02 -37.88
N VAL B 169 11.14 10.19 -37.42
CA VAL B 169 9.79 10.68 -37.02
C VAL B 169 9.86 11.18 -35.57
N CYS B 170 9.37 12.40 -35.34
CA CYS B 170 9.33 12.93 -33.95
C CYS B 170 8.03 13.73 -33.77
N THR B 171 6.99 13.10 -33.20
CA THR B 171 5.70 13.79 -32.96
C THR B 171 5.84 14.61 -31.67
N ASP B 172 5.19 15.78 -31.61
CA ASP B 172 5.35 16.64 -30.41
C ASP B 172 4.73 15.96 -29.18
N PRO B 173 5.28 16.04 -27.93
CA PRO B 173 4.69 15.28 -26.82
C PRO B 173 3.28 15.72 -26.45
N GLN B 174 3.08 17.03 -26.24
CA GLN B 174 1.77 17.54 -25.88
C GLN B 174 1.24 18.45 -26.98
N PRO B 175 -0.08 18.47 -27.19
CA PRO B 175 -0.66 19.41 -28.16
C PRO B 175 -0.64 20.83 -27.64
N LEU B 176 -0.84 21.77 -28.56
CA LEU B 176 -0.90 23.19 -28.26
C LEU B 176 -2.34 23.68 -28.25
N LYS B 177 -2.55 24.83 -27.61
CA LYS B 177 -3.85 25.48 -27.56
C LYS B 177 -3.86 26.62 -28.57
N GLU B 178 -4.77 26.55 -29.53
CA GLU B 178 -4.83 27.58 -30.57
C GLU B 178 -5.28 28.92 -30.01
N GLN B 179 -6.19 28.91 -29.03
CA GLN B 179 -6.63 30.11 -28.33
C GLN B 179 -6.49 29.85 -26.84
N PRO B 180 -5.29 30.04 -26.29
CA PRO B 180 -5.01 29.55 -24.91
C PRO B 180 -5.90 30.18 -23.84
N ALA B 181 -6.53 31.32 -24.13
CA ALA B 181 -7.40 31.95 -23.14
C ALA B 181 -8.65 31.10 -22.89
N LEU B 182 -9.29 30.63 -23.95
CA LEU B 182 -10.55 29.91 -23.81
C LEU B 182 -10.36 28.56 -23.16
N ASN B 183 -11.37 28.13 -22.39
CA ASN B 183 -11.35 26.80 -21.78
C ASN B 183 -11.61 25.72 -22.82
N ASP B 184 -12.55 25.97 -23.74
CA ASP B 184 -12.88 25.03 -24.80
C ASP B 184 -12.08 25.28 -26.07
N SER B 185 -10.85 25.79 -25.94
CA SER B 185 -10.02 26.08 -27.10
C SER B 185 -9.74 24.80 -27.88
N ARG B 186 -9.66 24.96 -29.20
CA ARG B 186 -9.42 23.85 -30.11
C ARG B 186 -7.91 23.66 -30.25
N TYR B 187 -7.45 22.42 -30.30
CA TYR B 187 -6.05 22.11 -30.12
C TYR B 187 -5.32 21.96 -31.47
N ALA B 188 -4.00 21.75 -31.39
CA ALA B 188 -3.15 21.58 -32.56
C ALA B 188 -1.93 20.74 -32.21
N LEU B 189 -1.32 20.14 -33.22
CA LEU B 189 -0.18 19.25 -33.03
C LEU B 189 0.75 19.32 -34.24
N SER B 190 2.01 18.92 -34.03
CA SER B 190 3.03 18.98 -35.07
C SER B 190 3.91 17.74 -35.01
N SER B 191 4.45 17.35 -36.16
CA SER B 191 5.36 16.22 -36.26
C SER B 191 6.27 16.40 -37.47
N ARG B 192 7.37 15.65 -37.46
CA ARG B 192 8.39 15.82 -38.51
C ARG B 192 8.89 14.46 -38.94
N LEU B 193 9.31 14.34 -40.19
CA LEU B 193 9.93 13.13 -40.73
C LEU B 193 11.12 13.56 -41.58
N ARG B 194 12.33 13.21 -41.13
CA ARG B 194 13.55 13.56 -41.84
C ARG B 194 14.07 12.33 -42.59
N VAL B 195 14.28 12.49 -43.90
CA VAL B 195 14.83 11.43 -44.74
C VAL B 195 15.99 12.03 -45.53
N SER B 196 16.77 11.13 -46.14
CA SER B 196 17.87 11.56 -46.98
C SER B 196 17.36 12.27 -48.23
N ALA B 197 18.15 13.23 -48.72
CA ALA B 197 17.73 14.03 -49.87
C ALA B 197 17.53 13.17 -51.11
N THR B 198 18.32 12.11 -51.27
CA THR B 198 18.15 11.23 -52.42
C THR B 198 16.82 10.49 -52.37
N PHE B 199 16.38 10.09 -51.17
CA PHE B 199 15.09 9.42 -51.02
C PHE B 199 13.94 10.38 -51.36
N TRP B 200 14.04 11.64 -50.92
CA TRP B 200 13.01 12.61 -51.24
C TRP B 200 12.98 12.94 -52.72
N GLN B 201 14.12 12.87 -53.40
CA GLN B 201 14.20 13.23 -54.81
C GLN B 201 13.59 12.18 -55.73
N ASP B 202 13.42 10.95 -55.25
CA ASP B 202 12.79 9.93 -56.08
C ASP B 202 11.30 10.21 -56.19
N PRO B 203 10.76 10.43 -57.39
CA PRO B 203 9.31 10.67 -57.51
C PRO B 203 8.48 9.42 -57.39
N ARG B 204 9.09 8.26 -57.16
CA ARG B 204 8.37 7.02 -56.93
C ARG B 204 7.99 6.82 -55.46
N ASN B 205 8.52 7.65 -54.57
CA ASN B 205 8.29 7.50 -53.14
C ASN B 205 7.09 8.32 -52.68
N HIS B 206 6.28 7.73 -51.82
CA HIS B 206 5.07 8.35 -51.32
C HIS B 206 5.21 8.64 -49.83
N PHE B 207 4.79 9.83 -49.41
CA PHE B 207 4.81 10.23 -48.02
C PHE B 207 3.38 10.58 -47.60
N ARG B 208 2.94 10.00 -46.49
CA ARG B 208 1.61 10.25 -45.96
C ARG B 208 1.69 10.51 -44.46
N CYS B 209 1.02 11.57 -44.01
CA CYS B 209 0.85 11.85 -42.59
C CYS B 209 -0.55 11.40 -42.18
N GLN B 210 -0.62 10.53 -41.18
CA GLN B 210 -1.87 9.89 -40.78
C GLN B 210 -2.17 10.23 -39.33
N VAL B 211 -3.28 10.93 -39.10
CA VAL B 211 -3.72 11.33 -37.77
C VAL B 211 -5.03 10.62 -37.47
N GLN B 212 -5.10 9.94 -36.34
CA GLN B 212 -6.30 9.23 -35.91
C GLN B 212 -7.00 10.06 -34.84
N PHE B 213 -8.27 10.38 -35.08
CA PHE B 213 -9.05 11.21 -34.17
C PHE B 213 -10.09 10.34 -33.48
N TYR B 214 -10.09 10.36 -32.15
CA TYR B 214 -11.11 9.69 -31.36
C TYR B 214 -12.15 10.73 -30.95
N GLY B 215 -13.39 10.50 -31.39
CA GLY B 215 -14.46 11.45 -31.14
C GLY B 215 -15.78 10.77 -30.87
N LEU B 216 -16.81 11.15 -31.62
CA LEU B 216 -18.17 10.64 -31.35
C LEU B 216 -18.33 9.24 -31.93
N SER B 217 -19.46 8.62 -31.64
CA SER B 217 -19.71 7.24 -32.11
C SER B 217 -21.10 7.19 -32.70
N GLU B 218 -21.74 6.04 -32.64
CA GLU B 218 -23.05 5.95 -33.31
C GLU B 218 -24.11 6.37 -32.30
N ASN B 219 -23.96 5.91 -31.06
CA ASN B 219 -24.91 6.26 -30.00
C ASN B 219 -24.86 7.77 -29.81
N ASP B 220 -23.66 8.30 -29.61
CA ASP B 220 -23.50 9.76 -29.49
C ASP B 220 -24.27 10.32 -30.68
N GLU B 221 -25.33 11.07 -30.41
CA GLU B 221 -26.19 11.53 -31.51
C GLU B 221 -25.80 12.95 -31.90
N TRP B 222 -26.09 13.33 -33.14
CA TRP B 222 -25.68 14.66 -33.63
C TRP B 222 -26.89 15.37 -34.24
N THR B 223 -27.24 16.52 -33.68
CA THR B 223 -28.34 17.30 -34.28
C THR B 223 -27.77 18.67 -34.66
N GLN B 224 -26.86 18.68 -35.61
CA GLN B 224 -26.32 19.94 -36.16
C GLN B 224 -26.08 19.64 -37.63
N ASP B 225 -25.39 20.53 -38.33
CA ASP B 225 -25.25 20.32 -39.79
C ASP B 225 -23.76 20.24 -40.16
N ARG B 226 -22.87 20.42 -39.19
CA ARG B 226 -21.43 20.26 -39.45
C ARG B 226 -21.12 18.77 -39.43
N ALA B 227 -21.60 18.03 -40.42
CA ALA B 227 -21.32 16.58 -40.53
C ALA B 227 -21.47 15.93 -39.17
N LYS B 228 -20.45 15.23 -38.71
CA LYS B 228 -20.46 14.64 -37.35
C LYS B 228 -19.00 14.44 -37.06
N PRO B 229 -18.49 14.95 -35.94
CA PRO B 229 -17.11 14.71 -35.55
C PRO B 229 -16.92 13.26 -35.09
N VAL B 230 -16.91 12.31 -36.00
CA VAL B 230 -16.90 10.88 -35.60
C VAL B 230 -15.47 10.42 -35.38
N THR B 231 -15.28 9.22 -34.87
CA THR B 231 -13.94 8.64 -34.74
C THR B 231 -13.52 8.40 -36.18
N GLN B 232 -12.54 9.14 -36.67
CA GLN B 232 -12.15 9.08 -38.08
C GLN B 232 -10.63 9.16 -38.18
N ILE B 233 -10.14 9.04 -39.41
CA ILE B 233 -8.73 9.20 -39.74
C ILE B 233 -8.61 10.28 -40.80
N VAL B 234 -7.71 11.24 -40.57
CA VAL B 234 -7.47 12.35 -41.50
C VAL B 234 -6.02 12.27 -41.96
N SER B 235 -5.81 12.35 -43.28
CA SER B 235 -4.49 12.19 -43.86
C SER B 235 -4.23 13.27 -44.91
N ALA B 236 -2.95 13.48 -45.20
CA ALA B 236 -2.49 14.33 -46.28
C ALA B 236 -1.23 13.70 -46.87
N GLU B 237 -1.13 13.73 -48.20
CA GLU B 237 -0.05 13.08 -48.90
C GLU B 237 0.89 14.10 -49.54
N ALA B 238 2.06 13.62 -49.93
CA ALA B 238 3.06 14.43 -50.61
C ALA B 238 4.03 13.50 -51.32
N TRP B 239 4.20 13.71 -52.63
CA TRP B 239 5.10 12.87 -53.41
C TRP B 239 6.49 13.48 -53.48
N GLY B 240 7.44 12.67 -53.94
CA GLY B 240 8.82 13.13 -54.04
C GLY B 240 9.04 14.03 -55.25
N ARG B 241 9.97 14.95 -55.09
CA ARG B 241 10.28 15.95 -56.12
C ARG B 241 11.75 15.91 -56.45
N ALA B 242 12.07 15.71 -57.73
CA ALA B 242 13.45 15.63 -58.18
C ALA B 242 14.10 17.01 -58.21
N GLY C 1 13.64 -0.45 31.65
CA GLY C 1 14.08 -1.79 31.29
C GLY C 1 13.68 -2.20 29.88
N SER C 2 13.60 -3.51 29.65
CA SER C 2 13.20 -4.02 28.35
C SER C 2 11.71 -3.83 28.13
N HIS C 3 11.32 -3.80 26.85
CA HIS C 3 9.92 -3.62 26.47
C HIS C 3 9.64 -4.40 25.20
N SER C 4 8.36 -4.62 24.93
CA SER C 4 7.94 -5.38 23.75
C SER C 4 6.55 -4.95 23.33
N MET C 5 6.24 -5.19 22.06
CA MET C 5 4.90 -5.00 21.52
C MET C 5 4.53 -6.24 20.72
N ARG C 6 3.37 -6.82 21.03
CA ARG C 6 2.94 -8.05 20.39
C ARG C 6 1.51 -7.92 19.91
N TYR C 7 1.22 -8.58 18.78
CA TYR C 7 -0.13 -8.63 18.22
C TYR C 7 -0.55 -10.09 18.09
N PHE C 8 -1.84 -10.34 18.36
CA PHE C 8 -2.38 -11.69 18.37
C PHE C 8 -3.60 -11.73 17.45
N TYR C 9 -3.52 -12.53 16.40
CA TYR C 9 -4.59 -12.68 15.42
C TYR C 9 -5.24 -14.05 15.59
N THR C 10 -6.57 -14.08 15.58
CA THR C 10 -7.32 -15.33 15.68
C THR C 10 -8.41 -15.33 14.63
N SER C 11 -8.35 -16.31 13.73
CA SER C 11 -9.39 -16.52 12.72
C SER C 11 -10.00 -17.90 12.95
N VAL C 12 -11.30 -17.92 13.24
CA VAL C 12 -12.04 -19.16 13.49
C VAL C 12 -13.09 -19.30 12.40
N SER C 13 -13.06 -20.43 11.70
CA SER C 13 -14.04 -20.69 10.65
C SER C 13 -15.37 -21.16 11.24
N ARG C 14 -16.45 -20.79 10.58
CA ARG C 14 -17.81 -21.13 11.00
C ARG C 14 -18.52 -21.81 9.84
N PRO C 15 -18.29 -23.11 9.65
CA PRO C 15 -18.95 -23.82 8.54
C PRO C 15 -20.46 -23.82 8.70
N GLY C 16 -21.14 -23.24 7.73
CA GLY C 16 -22.59 -23.09 7.77
C GLY C 16 -23.08 -21.89 8.54
N ARG C 17 -22.47 -21.61 9.69
CA ARG C 17 -22.84 -20.45 10.50
C ARG C 17 -22.52 -19.13 9.82
N GLY C 18 -21.72 -19.15 8.76
CA GLY C 18 -21.43 -17.93 8.02
C GLY C 18 -20.02 -17.86 7.51
N GLU C 19 -19.35 -16.75 7.78
CA GLU C 19 -17.99 -16.48 7.34
C GLU C 19 -17.05 -16.46 8.54
N PRO C 20 -15.76 -16.72 8.32
CA PRO C 20 -14.83 -16.86 9.46
C PRO C 20 -14.81 -15.63 10.35
N ARG C 21 -14.76 -15.88 11.66
CA ARG C 21 -14.71 -14.82 12.66
C ARG C 21 -13.25 -14.45 12.93
N PHE C 22 -12.98 -13.15 12.98
CA PHE C 22 -11.61 -12.65 13.09
C PHE C 22 -11.53 -11.70 14.28
N ILE C 23 -10.55 -11.93 15.15
CA ILE C 23 -10.33 -11.10 16.33
C ILE C 23 -8.85 -10.75 16.41
N ALA C 24 -8.56 -9.49 16.72
CA ALA C 24 -7.18 -9.00 16.80
C ALA C 24 -7.01 -8.12 18.03
N VAL C 25 -5.90 -8.34 18.76
CA VAL C 25 -5.57 -7.56 19.93
C VAL C 25 -4.07 -7.25 19.91
N GLY C 26 -3.70 -6.14 20.53
CA GLY C 26 -2.30 -5.76 20.62
C GLY C 26 -1.96 -5.27 22.02
N TYR C 27 -0.72 -5.56 22.43
CA TYR C 27 -0.28 -5.32 23.81
C TYR C 27 1.03 -4.54 23.83
N VAL C 28 1.28 -3.89 24.96
CA VAL C 28 2.57 -3.24 25.25
C VAL C 28 3.05 -3.82 26.58
N ASP C 29 3.79 -4.92 26.50
CA ASP C 29 4.47 -5.69 27.55
C ASP C 29 3.53 -6.44 28.48
N ASP C 30 2.35 -5.88 28.80
CA ASP C 30 1.23 -6.61 29.37
C ASP C 30 -0.09 -5.88 29.14
N THR C 31 -0.03 -4.72 28.49
CA THR C 31 -1.12 -3.75 28.52
C THR C 31 -1.75 -3.65 27.14
N GLN C 32 -2.97 -4.18 27.02
CA GLN C 32 -3.70 -4.10 25.76
C GLN C 32 -4.07 -2.66 25.44
N PHE C 33 -3.98 -2.30 24.16
CA PHE C 33 -4.33 -0.96 23.72
C PHE C 33 -5.18 -0.90 22.46
N VAL C 34 -5.32 -1.98 21.69
CA VAL C 34 -6.15 -1.99 20.50
C VAL C 34 -7.00 -3.26 20.48
N ARG C 35 -8.07 -3.20 19.70
CA ARG C 35 -9.08 -4.25 19.65
C ARG C 35 -9.73 -4.25 18.29
N PHE C 36 -10.05 -5.45 17.77
CA PHE C 36 -10.82 -5.56 16.55
C PHE C 36 -11.56 -6.89 16.54
N ASP C 37 -12.84 -6.84 16.19
CA ASP C 37 -13.69 -8.03 16.09
C ASP C 37 -14.51 -7.95 14.81
N SER C 38 -14.45 -8.99 14.00
CA SER C 38 -15.16 -8.98 12.72
C SER C 38 -16.67 -9.03 12.89
N ASP C 39 -17.16 -9.50 14.04
CA ASP C 39 -18.60 -9.59 14.29
C ASP C 39 -19.15 -8.38 15.02
N ALA C 40 -18.29 -7.45 15.43
CA ALA C 40 -18.75 -6.29 16.20
C ALA C 40 -19.48 -5.30 15.30
N ALA C 41 -20.21 -4.39 15.96
CA ALA C 41 -21.00 -3.41 15.22
C ALA C 41 -20.12 -2.33 14.59
N SER C 42 -19.09 -1.89 15.31
CA SER C 42 -18.28 -0.77 14.83
C SER C 42 -17.50 -1.13 13.58
N GLN C 43 -17.01 -2.36 13.50
CA GLN C 43 -16.15 -2.80 12.39
C GLN C 43 -14.93 -1.89 12.25
N ARG C 44 -14.35 -1.51 13.39
CA ARG C 44 -13.23 -0.58 13.42
C ARG C 44 -12.24 -1.01 14.50
N MET C 45 -11.01 -0.55 14.34
CA MET C 45 -10.00 -0.72 15.39
C MET C 45 -10.32 0.21 16.54
N GLU C 46 -10.53 -0.37 17.74
CA GLU C 46 -11.00 0.43 18.85
C GLU C 46 -9.92 0.60 19.91
N PRO C 47 -9.92 1.72 20.63
CA PRO C 47 -8.95 1.92 21.71
C PRO C 47 -9.27 1.09 22.94
N ARG C 48 -8.22 0.59 23.59
CA ARG C 48 -8.35 -0.14 24.85
C ARG C 48 -7.39 0.37 25.92
N ALA C 49 -6.66 1.45 25.65
CA ALA C 49 -5.77 2.08 26.61
C ALA C 49 -5.95 3.59 26.55
N PRO C 50 -5.74 4.29 27.66
CA PRO C 50 -5.95 5.75 27.65
C PRO C 50 -4.96 6.51 26.77
N TRP C 51 -3.73 6.02 26.63
CA TRP C 51 -2.71 6.78 25.91
C TRP C 51 -2.79 6.63 24.40
N ILE C 52 -3.56 5.66 23.90
CA ILE C 52 -3.76 5.51 22.45
C ILE C 52 -4.89 6.38 21.94
N GLU C 53 -5.67 7.02 22.83
CA GLU C 53 -6.81 7.82 22.41
C GLU C 53 -6.36 9.01 21.56
N GLN C 54 -5.23 9.62 21.91
CA GLN C 54 -4.77 10.84 21.27
C GLN C 54 -4.42 10.67 19.81
N GLU C 55 -4.26 9.44 19.32
CA GLU C 55 -3.95 9.22 17.92
C GLU C 55 -5.09 9.75 17.03
N GLY C 56 -4.71 10.38 15.93
CA GLY C 56 -5.65 11.04 15.06
C GLY C 56 -6.52 10.08 14.29
N PRO C 57 -7.53 10.61 13.60
CA PRO C 57 -8.43 9.74 12.83
C PRO C 57 -7.73 9.00 11.70
N GLU C 58 -6.63 9.54 11.18
CA GLU C 58 -5.88 8.85 10.14
C GLU C 58 -5.31 7.54 10.64
N TYR C 59 -4.81 7.51 11.88
CA TYR C 59 -4.26 6.29 12.44
C TYR C 59 -5.31 5.19 12.51
N TRP C 60 -6.51 5.51 13.02
CA TRP C 60 -7.54 4.50 13.18
C TRP C 60 -8.05 4.01 11.83
N ASP C 61 -8.23 4.92 10.87
CA ASP C 61 -8.81 4.54 9.58
C ASP C 61 -7.93 3.55 8.84
N GLN C 62 -6.63 3.81 8.77
CA GLN C 62 -5.75 2.91 8.02
C GLN C 62 -5.50 1.62 8.79
N GLU C 63 -5.37 1.70 10.11
CA GLU C 63 -5.14 0.48 10.89
C GLU C 63 -6.35 -0.44 10.84
N THR C 64 -7.56 0.12 10.71
CA THR C 64 -8.73 -0.71 10.48
C THR C 64 -8.62 -1.46 9.16
N ARG C 65 -8.21 -0.76 8.10
CA ARG C 65 -8.09 -1.40 6.80
C ARG C 65 -6.96 -2.42 6.77
N ASN C 66 -5.87 -2.15 7.49
CA ASN C 66 -4.78 -3.11 7.60
C ASN C 66 -5.28 -4.44 8.17
N VAL C 67 -5.95 -4.38 9.32
CA VAL C 67 -6.38 -5.59 9.98
C VAL C 67 -7.53 -6.24 9.23
N LYS C 68 -8.39 -5.44 8.59
CA LYS C 68 -9.49 -6.01 7.80
C LYS C 68 -8.95 -6.86 6.66
N ALA C 69 -7.87 -6.41 6.02
CA ALA C 69 -7.26 -7.20 4.95
C ALA C 69 -6.75 -8.53 5.47
N GLN C 70 -6.21 -8.54 6.68
CA GLN C 70 -5.68 -9.79 7.25
C GLN C 70 -6.79 -10.81 7.44
N SER C 71 -7.99 -10.37 7.82
CA SER C 71 -9.12 -11.28 7.93
C SER C 71 -9.45 -11.93 6.59
N GLN C 72 -9.47 -11.12 5.53
CA GLN C 72 -9.64 -11.68 4.18
C GLN C 72 -8.47 -12.58 3.82
N THR C 73 -7.26 -12.19 4.18
CA THR C 73 -6.09 -13.02 3.90
C THR C 73 -6.22 -14.36 4.60
N ASP C 74 -6.63 -14.37 5.87
CA ASP C 74 -6.79 -15.62 6.58
C ASP C 74 -7.93 -16.45 5.99
N ARG C 75 -8.99 -15.80 5.48
CA ARG C 75 -10.13 -16.53 4.94
C ARG C 75 -9.71 -17.46 3.82
N VAL C 76 -8.88 -16.97 2.90
CA VAL C 76 -8.38 -17.85 1.84
C VAL C 76 -7.35 -18.82 2.41
N ASP C 77 -6.68 -18.46 3.50
CA ASP C 77 -5.72 -19.36 4.12
C ASP C 77 -6.42 -20.55 4.77
N LEU C 78 -7.60 -20.35 5.35
CA LEU C 78 -8.38 -21.48 5.85
C LEU C 78 -8.64 -22.49 4.74
N GLY C 79 -9.11 -22.01 3.58
CA GLY C 79 -9.36 -22.92 2.48
C GLY C 79 -8.09 -23.56 1.95
N THR C 80 -7.00 -22.79 1.88
CA THR C 80 -5.74 -23.34 1.39
C THR C 80 -5.21 -24.42 2.32
N LEU C 81 -5.17 -24.14 3.63
CA LEU C 81 -4.68 -25.12 4.58
C LEU C 81 -5.59 -26.33 4.67
N ARG C 82 -6.90 -26.11 4.56
CA ARG C 82 -7.84 -27.23 4.54
C ARG C 82 -7.54 -28.19 3.39
N GLY C 83 -7.00 -27.68 2.30
CA GLY C 83 -6.55 -28.52 1.20
C GLY C 83 -5.28 -29.30 1.51
N TYR C 84 -4.32 -28.66 2.19
CA TYR C 84 -3.05 -29.33 2.48
C TYR C 84 -3.25 -30.57 3.35
N TYR C 85 -4.13 -30.48 4.35
CA TYR C 85 -4.36 -31.57 5.28
C TYR C 85 -5.49 -32.49 4.86
N ASN C 86 -6.06 -32.27 3.67
CA ASN C 86 -7.13 -33.14 3.13
C ASN C 86 -8.32 -33.21 4.09
N GLN C 87 -8.74 -32.06 4.57
CA GLN C 87 -9.83 -31.95 5.53
C GLN C 87 -11.14 -31.63 4.82
N SER C 88 -12.24 -31.83 5.54
CA SER C 88 -13.57 -31.62 4.99
C SER C 88 -14.06 -30.22 5.30
N GLU C 89 -14.92 -29.69 4.41
CA GLU C 89 -15.37 -28.31 4.51
C GLU C 89 -16.31 -28.06 5.68
N ASP C 90 -16.82 -29.10 6.34
CA ASP C 90 -17.77 -28.91 7.42
C ASP C 90 -17.11 -28.75 8.79
N GLY C 91 -15.80 -28.96 8.89
CA GLY C 91 -15.12 -28.85 10.15
C GLY C 91 -14.67 -27.43 10.47
N SER C 92 -14.71 -27.08 11.75
CA SER C 92 -14.30 -25.76 12.21
C SER C 92 -12.83 -25.80 12.60
N HIS C 93 -12.04 -24.92 12.00
CA HIS C 93 -10.61 -24.84 12.26
C HIS C 93 -10.23 -23.40 12.56
N THR C 94 -9.06 -23.22 13.17
CA THR C 94 -8.62 -21.91 13.63
C THR C 94 -7.18 -21.66 13.17
N ILE C 95 -6.92 -20.39 12.87
CA ILE C 95 -5.59 -19.92 12.51
C ILE C 95 -5.20 -18.82 13.50
N GLN C 96 -4.07 -18.99 14.17
CA GLN C 96 -3.59 -18.05 15.16
C GLN C 96 -2.22 -17.54 14.73
N ILE C 97 -2.04 -16.22 14.76
CA ILE C 97 -0.81 -15.58 14.30
C ILE C 97 -0.27 -14.72 15.44
N MET C 98 1.02 -14.88 15.73
CA MET C 98 1.68 -14.16 16.81
C MET C 98 2.93 -13.48 16.26
N TYR C 99 3.03 -12.17 16.45
CA TYR C 99 4.22 -11.46 15.99
C TYR C 99 4.46 -10.24 16.86
N GLY C 100 5.70 -9.77 16.87
CA GLY C 100 6.06 -8.62 17.65
C GLY C 100 7.56 -8.36 17.60
N CYS C 101 7.97 -7.28 18.26
CA CYS C 101 9.36 -6.86 18.30
C CYS C 101 9.73 -6.45 19.72
N ASP C 102 11.00 -6.67 20.07
CA ASP C 102 11.54 -6.39 21.40
C ASP C 102 12.59 -5.29 21.34
N VAL C 103 12.49 -4.36 22.29
CA VAL C 103 13.48 -3.28 22.41
C VAL C 103 14.17 -3.37 23.75
N GLY C 104 15.14 -2.50 24.00
CA GLY C 104 15.89 -2.51 25.22
C GLY C 104 15.73 -1.24 26.02
N PRO C 105 16.51 -1.10 27.10
CA PRO C 105 16.45 0.13 27.90
C PRO C 105 16.81 1.37 27.11
N ASP C 106 17.72 1.25 26.15
CA ASP C 106 18.08 2.38 25.29
C ASP C 106 17.09 2.58 24.15
N GLY C 107 16.13 1.67 23.97
CA GLY C 107 15.19 1.75 22.88
C GLY C 107 15.65 1.09 21.60
N ARG C 108 16.88 0.56 21.56
CA ARG C 108 17.37 -0.07 20.35
C ARG C 108 16.73 -1.43 20.15
N PHE C 109 16.79 -1.92 18.91
CA PHE C 109 16.19 -3.19 18.55
C PHE C 109 16.92 -4.36 19.22
N LEU C 110 16.15 -5.32 19.73
CA LEU C 110 16.71 -6.52 20.34
C LEU C 110 16.39 -7.78 19.56
N ARG C 111 15.11 -8.05 19.30
CA ARG C 111 14.72 -9.28 18.62
C ARG C 111 13.34 -9.11 18.01
N GLY C 112 13.16 -9.68 16.83
CA GLY C 112 11.86 -9.74 16.20
C GLY C 112 11.41 -11.17 16.05
N TYR C 113 10.10 -11.41 15.97
CA TYR C 113 9.58 -12.77 15.91
C TYR C 113 8.17 -12.76 15.35
N ARG C 114 7.85 -13.83 14.60
CA ARG C 114 6.55 -14.00 13.96
C ARG C 114 6.26 -15.49 13.88
N GLN C 115 5.14 -15.91 14.46
CA GLN C 115 4.78 -17.32 14.53
C GLN C 115 3.33 -17.51 14.11
N ASP C 116 3.08 -18.53 13.29
CA ASP C 116 1.75 -18.89 12.84
C ASP C 116 1.42 -20.31 13.28
N ALA C 117 0.15 -20.52 13.64
CA ALA C 117 -0.31 -21.81 14.13
C ALA C 117 -1.60 -22.20 13.44
N TYR C 118 -1.84 -23.50 13.33
CA TYR C 118 -3.08 -24.04 12.79
C TYR C 118 -3.63 -25.06 13.75
N ASP C 119 -4.81 -24.77 14.31
CA ASP C 119 -5.51 -25.67 15.22
C ASP C 119 -4.68 -25.99 16.46
N GLY C 120 -4.11 -24.94 17.06
CA GLY C 120 -3.42 -25.07 18.32
C GLY C 120 -2.03 -25.66 18.25
N LYS C 121 -1.55 -26.02 17.06
CA LYS C 121 -0.21 -26.56 16.89
C LYS C 121 0.61 -25.60 16.03
N ASP C 122 1.92 -25.59 16.29
CA ASP C 122 2.82 -24.77 15.49
C ASP C 122 2.72 -25.16 14.02
N TYR C 123 2.55 -24.16 13.16
CA TYR C 123 2.53 -24.38 11.72
C TYR C 123 3.80 -23.88 11.04
N ILE C 124 4.13 -22.61 11.22
CA ILE C 124 5.33 -22.03 10.63
C ILE C 124 5.75 -20.85 11.48
N ALA C 125 7.05 -20.61 11.57
CA ALA C 125 7.58 -19.54 12.39
C ALA C 125 8.80 -18.93 11.72
N LEU C 126 8.99 -17.64 11.93
CA LEU C 126 10.17 -16.93 11.44
C LEU C 126 11.30 -17.10 12.44
N ASN C 127 12.46 -17.55 11.96
CA ASN C 127 13.61 -17.74 12.82
C ASN C 127 14.18 -16.40 13.26
N GLU C 128 15.01 -16.44 14.31
CA GLU C 128 15.53 -15.21 14.89
C GLU C 128 16.44 -14.45 13.93
N ASP C 129 17.03 -15.13 12.94
CA ASP C 129 17.88 -14.45 11.98
C ASP C 129 17.09 -13.57 11.03
N LEU C 130 15.75 -13.68 11.02
CA LEU C 130 14.88 -12.88 10.17
C LEU C 130 15.18 -13.11 8.68
N ARG C 131 15.67 -14.29 8.35
CA ARG C 131 15.98 -14.65 6.97
C ARG C 131 15.49 -16.03 6.57
N SER C 132 15.07 -16.87 7.50
CA SER C 132 14.67 -18.23 7.18
C SER C 132 13.42 -18.59 7.97
N TRP C 133 12.72 -19.63 7.50
CA TRP C 133 11.48 -20.09 8.10
C TRP C 133 11.65 -21.51 8.62
N THR C 134 10.96 -21.82 9.71
CA THR C 134 10.97 -23.15 10.30
C THR C 134 9.62 -23.80 10.06
N ALA C 135 9.62 -24.92 9.33
CA ALA C 135 8.40 -25.61 8.96
C ALA C 135 8.15 -26.76 9.91
N ALA C 136 6.92 -26.87 10.40
CA ALA C 136 6.60 -27.83 11.46
C ALA C 136 6.35 -29.23 10.91
N ASP C 137 5.59 -29.35 9.82
CA ASP C 137 5.18 -30.66 9.32
C ASP C 137 5.27 -30.65 7.80
N MET C 138 4.75 -31.72 7.18
CA MET C 138 4.83 -31.86 5.73
C MET C 138 4.07 -30.74 5.02
N ALA C 139 2.89 -30.38 5.51
CA ALA C 139 2.12 -29.31 4.90
C ALA C 139 2.78 -27.95 5.09
N ALA C 140 3.67 -27.82 6.06
CA ALA C 140 4.32 -26.53 6.31
C ALA C 140 5.39 -26.22 5.28
N GLN C 141 5.99 -27.24 4.65
CA GLN C 141 6.93 -26.98 3.56
C GLN C 141 6.26 -26.23 2.43
N ILE C 142 5.00 -26.58 2.12
CA ILE C 142 4.30 -25.97 1.00
C ILE C 142 4.17 -24.47 1.19
N THR C 143 3.77 -24.05 2.39
CA THR C 143 3.77 -22.62 2.71
C THR C 143 5.19 -22.06 2.71
N LYS C 144 6.16 -22.86 3.19
CA LYS C 144 7.54 -22.41 3.19
C LYS C 144 8.05 -22.17 1.78
N ARG C 145 7.73 -23.05 0.84
CA ARG C 145 8.13 -22.86 -0.55
C ARG C 145 7.52 -21.59 -1.12
N LYS C 146 6.22 -21.38 -0.87
CA LYS C 146 5.56 -20.19 -1.40
C LYS C 146 6.12 -18.92 -0.78
N TRP C 147 6.41 -18.95 0.52
CA TRP C 147 6.89 -17.75 1.19
C TRP C 147 8.35 -17.44 0.83
N GLU C 148 9.16 -18.47 0.64
CA GLU C 148 10.54 -18.24 0.22
C GLU C 148 10.59 -17.63 -1.19
N ALA C 149 9.75 -18.14 -2.10
CA ALA C 149 9.75 -17.62 -3.46
C ALA C 149 9.22 -16.18 -3.51
N ALA C 150 8.38 -15.80 -2.56
CA ALA C 150 7.80 -14.47 -2.52
C ALA C 150 8.63 -13.49 -1.68
N HIS C 151 9.78 -13.92 -1.17
CA HIS C 151 10.63 -13.08 -0.33
C HIS C 151 9.86 -12.52 0.86
N ALA C 152 9.03 -13.37 1.45
CA ALA C 152 8.20 -12.93 2.58
C ALA C 152 9.06 -12.57 3.79
N ALA C 153 10.17 -13.30 3.99
CA ALA C 153 11.03 -13.03 5.13
C ALA C 153 11.60 -11.62 5.06
N GLU C 154 12.02 -11.19 3.87
CA GLU C 154 12.52 -9.83 3.71
C GLU C 154 11.44 -8.80 4.01
N GLN C 155 10.21 -9.05 3.56
CA GLN C 155 9.12 -8.12 3.82
C GLN C 155 8.80 -8.02 5.31
N GLN C 156 8.77 -9.16 6.00
CA GLN C 156 8.44 -9.14 7.43
C GLN C 156 9.56 -8.53 8.26
N ARG C 157 10.82 -8.85 7.92
CA ARG C 157 11.95 -8.29 8.67
C ARG C 157 11.99 -6.78 8.60
N ALA C 158 11.58 -6.20 7.47
CA ALA C 158 11.59 -4.75 7.32
C ALA C 158 10.66 -4.10 8.33
N TYR C 159 9.52 -4.71 8.62
CA TYR C 159 8.60 -4.16 9.61
C TYR C 159 9.18 -4.27 11.01
N LEU C 160 9.71 -5.44 11.37
CA LEU C 160 10.17 -5.67 12.74
C LEU C 160 11.35 -4.78 13.07
N GLU C 161 12.35 -4.73 12.20
CA GLU C 161 13.50 -3.85 12.43
C GLU C 161 13.15 -2.38 12.19
N GLY C 162 12.06 -2.10 11.49
CA GLY C 162 11.71 -0.75 11.11
C GLY C 162 10.52 -0.17 11.84
N ARG C 163 9.35 -0.23 11.19
CA ARG C 163 8.17 0.46 11.69
C ARG C 163 7.74 -0.06 13.07
N CYS C 164 8.02 -1.33 13.37
CA CYS C 164 7.57 -1.89 14.65
C CYS C 164 8.21 -1.17 15.83
N VAL C 165 9.54 -1.06 15.83
CA VAL C 165 10.21 -0.39 16.94
C VAL C 165 9.96 1.11 16.92
N GLU C 166 9.71 1.68 15.74
CA GLU C 166 9.45 3.11 15.65
C GLU C 166 8.16 3.48 16.37
N TRP C 167 7.12 2.65 16.24
CA TRP C 167 5.88 2.92 16.95
C TRP C 167 5.92 2.42 18.39
N LEU C 168 6.71 1.39 18.67
CA LEU C 168 6.84 0.91 20.04
C LEU C 168 7.43 1.99 20.94
N ARG C 169 8.46 2.70 20.46
CA ARG C 169 9.03 3.80 21.23
C ARG C 169 8.04 4.95 21.36
N ARG C 170 7.22 5.19 20.33
CA ARG C 170 6.22 6.24 20.41
C ARG C 170 5.18 5.93 21.47
N TYR C 171 4.75 4.67 21.55
CA TYR C 171 3.75 4.28 22.54
C TYR C 171 4.27 4.45 23.96
N LEU C 172 5.53 4.05 24.20
CA LEU C 172 6.08 4.12 25.55
C LEU C 172 6.17 5.57 26.04
N GLU C 173 6.60 6.48 25.18
CA GLU C 173 6.65 7.88 25.56
C GLU C 173 5.25 8.44 25.82
N ASN C 174 4.28 8.06 24.99
CA ASN C 174 2.91 8.51 25.21
C ASN C 174 2.32 7.90 26.48
N GLY C 175 2.80 6.72 26.88
CA GLY C 175 2.28 6.06 28.05
C GLY C 175 3.31 5.87 29.15
N LYS C 176 4.14 6.90 29.38
CA LYS C 176 5.14 6.81 30.44
C LYS C 176 4.50 6.62 31.80
N GLU C 177 3.31 7.19 32.00
CA GLU C 177 2.67 7.14 33.32
C GLU C 177 2.24 5.73 33.69
N THR C 178 1.85 4.91 32.72
CA THR C 178 1.30 3.59 33.00
C THR C 178 2.18 2.44 32.52
N LEU C 179 2.90 2.59 31.42
CA LEU C 179 3.65 1.48 30.85
C LEU C 179 5.04 1.33 31.47
N GLN C 180 5.70 2.43 31.81
CA GLN C 180 7.06 2.39 32.31
C GLN C 180 7.16 2.36 33.82
N ARG C 181 6.04 2.41 34.53
CA ARG C 181 6.02 2.32 35.98
C ARG C 181 5.74 0.90 36.43
N THR C 182 6.38 0.49 37.52
CA THR C 182 6.22 -0.84 38.10
C THR C 182 5.52 -0.73 39.44
N ASP C 183 4.45 -1.50 39.62
CA ASP C 183 3.78 -1.58 40.90
C ASP C 183 4.31 -2.79 41.67
N PRO C 184 5.00 -2.60 42.79
CA PRO C 184 5.49 -3.76 43.55
C PRO C 184 4.34 -4.55 44.13
N PRO C 185 4.52 -5.86 44.31
CA PRO C 185 3.41 -6.69 44.83
C PRO C 185 3.13 -6.39 46.30
N LYS C 186 1.85 -6.17 46.60
CA LYS C 186 1.40 -5.96 47.97
C LYS C 186 1.13 -7.34 48.59
N THR C 187 1.99 -7.76 49.49
CA THR C 187 1.99 -9.12 50.00
C THR C 187 1.33 -9.20 51.37
N HIS C 188 0.72 -10.35 51.64
CA HIS C 188 0.21 -10.69 52.96
C HIS C 188 0.08 -12.20 53.05
N MET C 189 -0.06 -12.70 54.28
CA MET C 189 -0.11 -14.12 54.55
C MET C 189 -1.34 -14.45 55.37
N THR C 190 -1.91 -15.63 55.11
CA THR C 190 -3.16 -16.04 55.75
C THR C 190 -3.05 -17.48 56.23
N HIS C 191 -3.89 -17.82 57.21
CA HIS C 191 -3.80 -19.09 57.92
C HIS C 191 -5.16 -19.78 57.91
N HIS C 192 -5.19 -21.03 57.47
CA HIS C 192 -6.42 -21.82 57.41
C HIS C 192 -6.21 -23.15 58.14
N PRO C 193 -7.02 -23.46 59.15
CA PRO C 193 -6.94 -24.78 59.80
C PRO C 193 -7.61 -25.84 58.94
N ILE C 194 -6.83 -26.82 58.48
CA ILE C 194 -7.40 -27.93 57.72
C ILE C 194 -7.82 -29.07 58.65
N SER C 195 -7.17 -29.21 59.80
CA SER C 195 -7.52 -30.21 60.80
C SER C 195 -6.85 -29.81 62.11
N ASP C 196 -7.00 -30.66 63.12
CA ASP C 196 -6.28 -30.41 64.37
C ASP C 196 -4.81 -30.78 64.29
N HIS C 197 -4.42 -31.58 63.30
CA HIS C 197 -3.03 -31.99 63.13
C HIS C 197 -2.30 -31.16 62.09
N GLU C 198 -3.00 -30.32 61.32
CA GLU C 198 -2.39 -29.63 60.20
C GLU C 198 -3.14 -28.33 59.93
N ALA C 199 -2.58 -27.50 59.05
CA ALA C 199 -3.21 -26.26 58.66
C ALA C 199 -2.67 -25.83 57.29
N THR C 200 -3.38 -24.90 56.67
CA THR C 200 -3.03 -24.39 55.35
C THR C 200 -2.49 -22.97 55.48
N LEU C 201 -1.37 -22.71 54.81
CA LEU C 201 -0.71 -21.41 54.85
C LEU C 201 -0.57 -20.90 53.44
N ARG C 202 -1.17 -19.74 53.15
CA ARG C 202 -1.18 -19.16 51.82
C ARG C 202 -0.45 -17.83 51.81
N CYS C 203 0.37 -17.64 50.78
CA CYS C 203 1.17 -16.44 50.59
C CYS C 203 0.64 -15.69 49.38
N TRP C 204 0.31 -14.41 49.56
CA TRP C 204 -0.43 -13.65 48.57
C TRP C 204 0.43 -12.54 47.97
N ALA C 205 0.22 -12.29 46.67
CA ALA C 205 0.85 -11.18 45.97
C ALA C 205 -0.23 -10.48 45.14
N LEU C 206 -0.50 -9.22 45.46
CA LEU C 206 -1.67 -8.53 44.93
C LEU C 206 -1.28 -7.18 44.34
N GLY C 207 -1.98 -6.80 43.28
CA GLY C 207 -1.85 -5.47 42.70
C GLY C 207 -0.48 -5.14 42.15
N PHE C 208 0.16 -6.10 41.49
CA PHE C 208 1.49 -5.89 40.94
C PHE C 208 1.47 -5.85 39.41
N TYR C 209 2.50 -5.24 38.86
CA TYR C 209 2.69 -5.14 37.41
C TYR C 209 4.18 -5.00 37.14
N PRO C 210 4.74 -5.72 36.16
CA PRO C 210 4.14 -6.66 35.23
C PRO C 210 3.83 -8.04 35.81
N ALA C 211 3.58 -9.01 34.91
CA ALA C 211 3.09 -10.32 35.33
C ALA C 211 4.19 -11.21 35.90
N GLU C 212 5.44 -11.02 35.49
CA GLU C 212 6.51 -11.90 35.92
C GLU C 212 6.73 -11.76 37.43
N ILE C 213 6.59 -12.88 38.14
CA ILE C 213 6.75 -12.89 39.59
C ILE C 213 7.08 -14.32 40.00
N THR C 214 7.82 -14.45 41.10
CA THR C 214 8.27 -15.75 41.60
C THR C 214 7.88 -15.87 43.07
N LEU C 215 7.07 -16.87 43.38
CA LEU C 215 6.64 -17.16 44.75
C LEU C 215 7.15 -18.54 45.13
N THR C 216 7.86 -18.63 46.26
CA THR C 216 8.44 -19.88 46.71
C THR C 216 8.30 -20.01 48.22
N TRP C 217 8.01 -21.22 48.68
CA TRP C 217 7.99 -21.55 50.10
C TRP C 217 9.31 -22.24 50.47
N GLN C 218 9.76 -21.98 51.70
CA GLN C 218 10.99 -22.58 52.21
C GLN C 218 10.75 -23.13 53.61
N ARG C 219 11.21 -24.36 53.85
CA ARG C 219 11.18 -24.98 55.16
C ARG C 219 12.59 -24.86 55.75
N ASP C 220 12.78 -23.86 56.61
CA ASP C 220 14.08 -23.59 57.22
C ASP C 220 15.17 -23.41 56.16
N GLY C 221 14.81 -22.72 55.08
CA GLY C 221 15.73 -22.49 53.98
C GLY C 221 15.68 -23.55 52.88
N GLU C 222 14.94 -24.63 53.07
CA GLU C 222 14.82 -25.68 52.08
C GLU C 222 13.54 -25.49 51.28
N ASP C 223 13.66 -25.42 49.96
CA ASP C 223 12.51 -25.22 49.09
C ASP C 223 11.51 -26.37 49.24
N GLN C 224 10.23 -26.02 49.25
CA GLN C 224 9.15 -26.98 49.37
C GLN C 224 8.30 -27.02 48.10
N THR C 225 8.96 -26.99 46.93
CA THR C 225 8.26 -26.96 45.66
C THR C 225 7.45 -28.22 45.40
N GLN C 226 7.74 -29.31 46.11
CA GLN C 226 7.03 -30.57 45.88
C GLN C 226 5.68 -30.62 46.59
N ASP C 227 5.57 -30.01 47.76
CA ASP C 227 4.35 -30.01 48.56
C ASP C 227 3.62 -28.67 48.48
N THR C 228 3.76 -27.97 47.36
CA THR C 228 3.31 -26.60 47.22
C THR C 228 2.23 -26.51 46.15
N GLU C 229 1.12 -25.84 46.49
CA GLU C 229 0.04 -25.59 45.54
C GLU C 229 0.28 -24.23 44.88
N LEU C 230 0.65 -24.26 43.60
CA LEU C 230 0.91 -23.05 42.83
C LEU C 230 -0.26 -22.80 41.89
N VAL C 231 -0.72 -21.56 41.82
CA VAL C 231 -1.78 -21.18 40.89
C VAL C 231 -1.20 -20.24 39.86
N GLU C 232 -1.79 -20.28 38.66
CA GLU C 232 -1.33 -19.44 37.57
C GLU C 232 -1.63 -17.98 37.85
N THR C 233 -0.71 -17.10 37.44
CA THR C 233 -0.91 -15.67 37.63
C THR C 233 -2.15 -15.20 36.89
N ARG C 234 -2.94 -14.36 37.55
CA ARG C 234 -4.25 -13.96 37.05
C ARG C 234 -4.39 -12.45 37.01
N PRO C 235 -5.16 -11.92 36.06
CA PRO C 235 -5.38 -10.48 36.01
C PRO C 235 -6.46 -10.03 36.99
N ALA C 236 -6.23 -8.87 37.60
CA ALA C 236 -7.21 -8.28 38.50
C ALA C 236 -8.26 -7.45 37.77
N GLY C 237 -8.07 -7.19 36.48
CA GLY C 237 -9.01 -6.41 35.70
C GLY C 237 -8.76 -4.92 35.68
N ASP C 238 -7.89 -4.41 36.56
CA ASP C 238 -7.56 -2.99 36.60
C ASP C 238 -6.15 -2.72 36.09
N GLY C 239 -5.56 -3.68 35.38
CA GLY C 239 -4.20 -3.56 34.88
C GLY C 239 -3.15 -4.19 35.75
N THR C 240 -3.51 -4.64 36.96
CA THR C 240 -2.59 -5.33 37.85
C THR C 240 -2.94 -6.81 37.90
N PHE C 241 -2.06 -7.59 38.54
CA PHE C 241 -2.15 -9.03 38.54
C PHE C 241 -2.08 -9.57 39.96
N GLN C 242 -2.37 -10.86 40.11
CA GLN C 242 -2.42 -11.51 41.39
C GLN C 242 -1.79 -12.90 41.30
N LYS C 243 -1.35 -13.40 42.45
CA LYS C 243 -0.83 -14.77 42.56
C LYS C 243 -0.74 -15.17 44.04
N TRP C 244 -1.25 -16.36 44.38
CA TRP C 244 -1.17 -16.87 45.74
C TRP C 244 -0.63 -18.29 45.72
N VAL C 245 0.04 -18.68 46.80
CA VAL C 245 0.71 -19.97 46.89
C VAL C 245 0.45 -20.56 48.28
N ALA C 246 0.05 -21.82 48.33
CA ALA C 246 -0.34 -22.48 49.57
C ALA C 246 0.64 -23.57 49.94
N VAL C 247 0.66 -23.89 51.24
CA VAL C 247 1.43 -25.01 51.77
C VAL C 247 0.70 -25.54 53.00
N VAL C 248 0.79 -26.86 53.21
CA VAL C 248 0.18 -27.51 54.36
C VAL C 248 1.21 -27.60 55.47
N VAL C 249 0.81 -27.20 56.68
CA VAL C 249 1.77 -27.02 57.76
C VAL C 249 1.36 -27.90 58.94
N PRO C 250 2.30 -28.34 59.78
CA PRO C 250 1.91 -28.88 61.08
C PRO C 250 1.31 -27.78 61.95
N SER C 251 0.43 -28.19 62.87
CA SER C 251 -0.35 -27.23 63.63
C SER C 251 0.51 -26.30 64.48
N GLY C 252 1.75 -26.67 64.78
CA GLY C 252 2.59 -25.83 65.62
C GLY C 252 3.88 -25.38 64.98
N GLN C 253 4.04 -25.59 63.67
CA GLN C 253 5.27 -25.28 62.96
C GLN C 253 5.05 -24.19 61.91
N GLU C 254 4.30 -23.16 62.26
CA GLU C 254 4.01 -22.09 61.31
C GLU C 254 5.24 -21.24 61.03
N GLN C 255 5.98 -20.87 62.09
CA GLN C 255 7.10 -19.95 61.95
C GLN C 255 8.32 -20.58 61.30
N ARG C 256 8.35 -21.91 61.16
CA ARG C 256 9.46 -22.56 60.47
C ARG C 256 9.40 -22.34 58.96
N TYR C 257 8.26 -21.93 58.43
CA TYR C 257 8.07 -21.75 57.00
C TYR C 257 8.13 -20.28 56.63
N THR C 258 8.73 -19.99 55.47
CA THR C 258 8.87 -18.62 54.97
C THR C 258 8.49 -18.58 53.49
N CYS C 259 7.96 -17.43 53.07
CA CYS C 259 7.56 -17.20 51.69
C CYS C 259 8.48 -16.16 51.06
N HIS C 260 8.92 -16.43 49.83
CA HIS C 260 9.87 -15.57 49.13
C HIS C 260 9.23 -15.04 47.86
N VAL C 261 9.14 -13.72 47.74
CA VAL C 261 8.52 -13.04 46.62
C VAL C 261 9.61 -12.33 45.83
N GLN C 262 9.65 -12.59 44.53
CA GLN C 262 10.62 -11.96 43.63
C GLN C 262 9.87 -11.26 42.51
N HIS C 263 10.09 -9.95 42.39
CA HIS C 263 9.43 -9.12 41.39
C HIS C 263 10.31 -7.92 41.10
N GLU C 264 10.31 -7.47 39.85
CA GLU C 264 11.21 -6.37 39.48
C GLU C 264 10.81 -5.06 40.13
N GLY C 265 9.55 -4.90 40.54
CA GLY C 265 9.14 -3.70 41.24
C GLY C 265 9.71 -3.59 42.63
N LEU C 266 10.09 -4.71 43.25
CA LEU C 266 10.75 -4.73 44.54
C LEU C 266 12.26 -4.68 44.35
N PRO C 267 12.96 -3.71 44.96
CA PRO C 267 14.42 -3.69 44.82
C PRO C 267 15.10 -4.95 45.32
N LYS C 268 14.59 -5.54 46.40
CA LYS C 268 15.17 -6.75 46.97
C LYS C 268 14.06 -7.79 47.16
N PRO C 269 14.39 -9.06 47.01
CA PRO C 269 13.39 -10.13 47.22
C PRO C 269 12.85 -10.12 48.63
N LEU C 270 11.55 -9.87 48.76
CA LEU C 270 10.90 -9.87 50.06
C LEU C 270 10.83 -11.28 50.62
N THR C 271 11.02 -11.39 51.94
CA THR C 271 10.86 -12.64 52.67
C THR C 271 9.81 -12.44 53.75
N LEU C 272 8.80 -13.28 53.74
CA LEU C 272 7.69 -13.20 54.68
C LEU C 272 7.72 -14.40 55.62
N ARG C 273 7.71 -14.13 56.92
CA ARG C 273 7.76 -15.18 57.93
C ARG C 273 6.60 -15.01 58.89
N TRP C 274 6.09 -16.13 59.40
CA TRP C 274 5.03 -16.13 60.39
C TRP C 274 5.50 -15.47 61.69
N ILE D 1 -5.87 -31.17 18.57
CA ILE D 1 -5.56 -30.96 19.97
C ILE D 1 -6.61 -30.05 20.62
N GLN D 2 -7.28 -30.57 21.64
CA GLN D 2 -8.24 -29.81 22.42
C GLN D 2 -7.77 -29.76 23.87
N ARG D 3 -7.84 -28.56 24.47
CA ARG D 3 -7.31 -28.33 25.81
C ARG D 3 -8.43 -27.95 26.75
N THR D 4 -8.52 -28.65 27.87
CA THR D 4 -9.56 -28.39 28.86
C THR D 4 -9.30 -27.06 29.56
N PRO D 5 -10.30 -26.19 29.68
CA PRO D 5 -10.07 -24.88 30.32
C PRO D 5 -9.70 -25.00 31.80
N LYS D 6 -8.87 -24.06 32.24
CA LYS D 6 -8.57 -23.86 33.64
C LYS D 6 -9.39 -22.69 34.16
N ILE D 7 -10.00 -22.87 35.33
CA ILE D 7 -11.00 -21.94 35.85
C ILE D 7 -10.52 -21.42 37.20
N GLN D 8 -10.54 -20.10 37.37
CA GLN D 8 -10.28 -19.47 38.66
C GLN D 8 -11.32 -18.40 38.92
N VAL D 9 -11.81 -18.36 40.16
CA VAL D 9 -12.83 -17.40 40.58
C VAL D 9 -12.27 -16.61 41.75
N TYR D 10 -12.34 -15.28 41.65
CA TYR D 10 -11.73 -14.42 42.65
C TYR D 10 -12.32 -13.02 42.53
N SER D 11 -11.83 -12.12 43.38
CA SER D 11 -12.28 -10.73 43.40
C SER D 11 -11.10 -9.81 43.10
N ARG D 12 -11.40 -8.68 42.46
CA ARG D 12 -10.35 -7.74 42.08
C ARG D 12 -9.65 -7.18 43.30
N HIS D 13 -10.41 -6.80 44.32
CA HIS D 13 -9.89 -6.32 45.59
C HIS D 13 -10.27 -7.30 46.70
N PRO D 14 -9.53 -7.31 47.81
CA PRO D 14 -9.91 -8.21 48.92
C PRO D 14 -11.33 -7.94 49.38
N ALA D 15 -12.05 -9.01 49.68
CA ALA D 15 -13.48 -8.93 49.92
C ALA D 15 -13.76 -8.34 51.30
N GLU D 16 -14.51 -7.24 51.31
CA GLU D 16 -15.02 -6.65 52.55
C GLU D 16 -16.53 -6.46 52.37
N ASN D 17 -17.30 -7.11 53.23
CA ASN D 17 -18.75 -7.13 53.08
C ASN D 17 -19.33 -5.72 53.14
N GLY D 18 -20.24 -5.42 52.22
CA GLY D 18 -20.87 -4.12 52.17
C GLY D 18 -20.16 -3.09 51.31
N LYS D 19 -19.01 -3.42 50.74
CA LYS D 19 -18.25 -2.50 49.91
C LYS D 19 -18.20 -3.00 48.48
N SER D 20 -18.26 -2.07 47.53
CA SER D 20 -18.28 -2.43 46.11
C SER D 20 -16.99 -3.12 45.71
N ASN D 21 -17.11 -4.09 44.82
CA ASN D 21 -15.96 -4.87 44.35
C ASN D 21 -16.32 -5.45 42.99
N PHE D 22 -15.36 -6.12 42.37
CA PHE D 22 -15.56 -6.78 41.08
C PHE D 22 -15.33 -8.27 41.23
N LEU D 23 -16.19 -9.06 40.59
CA LEU D 23 -16.09 -10.51 40.60
C LEU D 23 -15.52 -10.98 39.26
N ASN D 24 -14.45 -11.77 39.31
CA ASN D 24 -13.73 -12.19 38.13
C ASN D 24 -13.76 -13.71 37.99
N CYS D 25 -13.98 -14.18 36.77
CA CYS D 25 -13.81 -15.58 36.40
C CYS D 25 -12.81 -15.63 35.25
N TYR D 26 -11.60 -16.10 35.53
CA TYR D 26 -10.51 -16.10 34.56
C TYR D 26 -10.34 -17.51 33.99
N VAL D 27 -10.68 -17.67 32.72
CA VAL D 27 -10.55 -18.94 32.01
C VAL D 27 -9.31 -18.87 31.13
N SER D 28 -8.49 -19.91 31.19
CA SER D 28 -7.23 -19.91 30.45
C SER D 28 -6.84 -21.33 30.09
N GLY D 29 -5.93 -21.44 29.12
CA GLY D 29 -5.38 -22.72 28.74
C GLY D 29 -6.33 -23.63 27.99
N PHE D 30 -7.28 -23.08 27.25
CA PHE D 30 -8.30 -23.85 26.57
C PHE D 30 -8.22 -23.66 25.06
N HIS D 31 -8.68 -24.68 24.33
CA HIS D 31 -8.70 -24.68 22.88
C HIS D 31 -9.76 -25.66 22.42
N PRO D 32 -10.61 -25.32 21.45
CA PRO D 32 -10.65 -24.07 20.68
C PRO D 32 -11.24 -22.87 21.43
N SER D 33 -11.44 -21.77 20.70
CA SER D 33 -11.83 -20.51 21.30
C SER D 33 -13.29 -20.47 21.73
N ASP D 34 -14.16 -21.27 21.10
CA ASP D 34 -15.58 -21.24 21.40
C ASP D 34 -15.81 -21.73 22.82
N ILE D 35 -16.30 -20.85 23.69
CA ILE D 35 -16.53 -21.20 25.08
C ILE D 35 -17.65 -20.32 25.63
N GLU D 36 -18.46 -20.90 26.52
CA GLU D 36 -19.54 -20.21 27.20
C GLU D 36 -19.22 -20.11 28.68
N VAL D 37 -19.27 -18.88 29.22
CA VAL D 37 -18.95 -18.63 30.62
C VAL D 37 -20.04 -17.74 31.20
N ASP D 38 -20.55 -18.13 32.37
CA ASP D 38 -21.56 -17.36 33.08
C ASP D 38 -21.15 -17.17 34.53
N LEU D 39 -21.60 -16.06 35.11
CA LEU D 39 -21.39 -15.77 36.52
C LEU D 39 -22.70 -15.98 37.27
N LEU D 40 -22.62 -16.72 38.38
CA LEU D 40 -23.79 -17.16 39.11
C LEU D 40 -23.83 -16.49 40.49
N LYS D 41 -24.98 -15.91 40.82
CA LYS D 41 -25.24 -15.38 42.15
C LYS D 41 -26.33 -16.25 42.79
N ASN D 42 -25.95 -17.04 43.80
CA ASN D 42 -26.85 -18.01 44.43
C ASN D 42 -27.41 -18.99 43.41
N GLY D 43 -26.58 -19.36 42.43
CA GLY D 43 -26.97 -20.30 41.40
C GLY D 43 -27.73 -19.70 40.24
N GLU D 44 -28.01 -18.40 40.25
CA GLU D 44 -28.76 -17.74 39.18
C GLU D 44 -27.82 -16.87 38.36
N ARG D 45 -27.99 -16.93 37.03
CA ARG D 45 -27.10 -16.22 36.13
C ARG D 45 -27.24 -14.70 36.31
N ILE D 46 -26.12 -14.00 36.22
CA ILE D 46 -26.09 -12.54 36.29
C ILE D 46 -26.25 -11.98 34.89
N GLU D 47 -27.11 -10.97 34.75
CA GLU D 47 -27.43 -10.46 33.42
C GLU D 47 -26.25 -9.68 32.83
N LYS D 48 -25.87 -8.58 33.48
CA LYS D 48 -24.84 -7.69 32.94
C LYS D 48 -23.47 -8.21 33.34
N VAL D 49 -22.87 -8.99 32.44
CA VAL D 49 -21.53 -9.52 32.64
C VAL D 49 -20.69 -9.16 31.41
N GLU D 50 -19.61 -8.43 31.64
CA GLU D 50 -18.66 -8.06 30.59
C GLU D 50 -17.49 -9.03 30.58
N HIS D 51 -16.77 -9.06 29.46
CA HIS D 51 -15.67 -10.00 29.30
C HIS D 51 -14.55 -9.34 28.50
N SER D 52 -13.35 -9.89 28.67
CA SER D 52 -12.16 -9.35 28.04
C SER D 52 -12.11 -9.71 26.55
N ASP D 53 -11.06 -9.27 25.89
CA ASP D 53 -10.88 -9.49 24.47
C ASP D 53 -10.10 -10.77 24.25
N LEU D 54 -10.53 -11.56 23.26
CA LEU D 54 -9.94 -12.88 23.06
C LEU D 54 -8.45 -12.78 22.76
N SER D 55 -7.67 -13.62 23.41
CA SER D 55 -6.22 -13.63 23.25
C SER D 55 -5.72 -15.02 23.65
N PHE D 56 -4.45 -15.29 23.32
CA PHE D 56 -3.87 -16.59 23.58
C PHE D 56 -2.45 -16.43 24.12
N SER D 57 -1.95 -17.50 24.74
CA SER D 57 -0.64 -17.53 25.34
C SER D 57 0.37 -18.14 24.37
N LYS D 58 1.57 -18.44 24.86
CA LYS D 58 2.64 -18.91 24.01
C LYS D 58 2.32 -20.25 23.36
N ASP D 59 1.69 -21.16 24.11
CA ASP D 59 1.36 -22.49 23.59
C ASP D 59 0.06 -22.51 22.81
N TRP D 60 -0.40 -21.36 22.31
CA TRP D 60 -1.59 -21.19 21.47
C TRP D 60 -2.88 -21.46 22.22
N SER D 61 -2.86 -21.51 23.55
CA SER D 61 -4.06 -21.70 24.35
C SER D 61 -4.67 -20.34 24.69
N PHE D 62 -5.99 -20.26 24.57
CA PHE D 62 -6.70 -19.01 24.76
C PHE D 62 -6.84 -18.67 26.24
N TYR D 63 -7.19 -17.41 26.51
CA TYR D 63 -7.53 -16.98 27.86
C TYR D 63 -8.51 -15.81 27.80
N LEU D 64 -9.49 -15.83 28.69
CA LEU D 64 -10.52 -14.80 28.77
C LEU D 64 -10.80 -14.47 30.23
N LEU D 65 -11.25 -13.23 30.46
CA LEU D 65 -11.60 -12.77 31.80
C LEU D 65 -13.00 -12.19 31.78
N TYR D 66 -13.92 -12.81 32.51
CA TYR D 66 -15.29 -12.32 32.65
C TYR D 66 -15.44 -11.64 34.00
N TYR D 67 -16.07 -10.46 34.01
CA TYR D 67 -16.13 -9.65 35.21
C TYR D 67 -17.47 -8.93 35.31
N THR D 68 -17.85 -8.61 36.55
CA THR D 68 -19.02 -7.78 36.82
C THR D 68 -18.84 -7.12 38.18
N GLU D 69 -19.47 -5.95 38.35
CA GLU D 69 -19.45 -5.26 39.62
C GLU D 69 -20.43 -5.91 40.59
N PHE D 70 -20.02 -6.01 41.85
CA PHE D 70 -20.87 -6.62 42.87
C PHE D 70 -20.43 -6.15 44.24
N THR D 71 -21.31 -6.36 45.22
CA THR D 71 -21.00 -6.04 46.61
C THR D 71 -21.16 -7.30 47.45
N PRO D 72 -20.07 -7.87 47.96
CA PRO D 72 -20.17 -9.15 48.66
C PRO D 72 -20.89 -9.00 50.00
N THR D 73 -21.50 -10.10 50.43
CA THR D 73 -22.15 -10.20 51.73
C THR D 73 -21.69 -11.47 52.41
N GLU D 74 -22.09 -11.64 53.68
CA GLU D 74 -21.78 -12.87 54.39
C GLU D 74 -22.64 -14.04 53.94
N LYS D 75 -23.81 -13.77 53.34
CA LYS D 75 -24.75 -14.81 52.97
C LYS D 75 -24.67 -15.21 51.50
N ASP D 76 -24.43 -14.25 50.60
CA ASP D 76 -24.45 -14.54 49.17
C ASP D 76 -23.33 -15.48 48.76
N GLU D 77 -23.67 -16.48 47.95
CA GLU D 77 -22.70 -17.40 47.37
C GLU D 77 -22.59 -17.11 45.87
N TYR D 78 -21.35 -16.97 45.39
CA TYR D 78 -21.09 -16.72 43.99
C TYR D 78 -20.26 -17.87 43.42
N ALA D 79 -20.50 -18.17 42.14
CA ALA D 79 -19.78 -19.23 41.46
C ALA D 79 -19.75 -18.95 39.97
N CYS D 80 -18.82 -19.60 39.28
CA CYS D 80 -18.65 -19.45 37.85
C CYS D 80 -19.01 -20.75 37.15
N ARG D 81 -19.85 -20.66 36.12
CA ARG D 81 -20.28 -21.80 35.33
C ARG D 81 -19.63 -21.73 33.96
N VAL D 82 -18.87 -22.75 33.60
CA VAL D 82 -18.12 -22.79 32.36
C VAL D 82 -18.47 -24.07 31.62
N ASN D 83 -18.81 -23.95 30.33
CA ASN D 83 -19.05 -25.10 29.47
C ASN D 83 -18.15 -25.00 28.25
N HIS D 84 -17.54 -26.13 27.89
CA HIS D 84 -16.60 -26.18 26.77
C HIS D 84 -16.80 -27.50 26.03
N VAL D 85 -16.31 -27.54 24.79
CA VAL D 85 -16.43 -28.74 23.98
C VAL D 85 -15.68 -29.90 24.62
N THR D 86 -14.62 -29.61 25.38
CA THR D 86 -13.87 -30.65 26.08
C THR D 86 -14.56 -31.11 27.35
N LEU D 87 -15.63 -30.44 27.78
CA LEU D 87 -16.36 -30.79 29.01
C LEU D 87 -17.68 -31.43 28.62
N SER D 88 -17.88 -32.68 29.08
CA SER D 88 -19.16 -33.34 28.85
C SER D 88 -20.29 -32.64 29.58
N GLN D 89 -20.03 -32.18 30.80
CA GLN D 89 -21.00 -31.46 31.61
C GLN D 89 -20.41 -30.14 32.06
N PRO D 90 -21.25 -29.13 32.32
CA PRO D 90 -20.74 -27.85 32.79
C PRO D 90 -20.01 -28.00 34.12
N LYS D 91 -18.96 -27.21 34.29
CA LYS D 91 -18.17 -27.22 35.51
C LYS D 91 -18.50 -25.98 36.34
N ILE D 92 -18.75 -26.19 37.63
CA ILE D 92 -19.09 -25.13 38.56
C ILE D 92 -17.92 -24.96 39.53
N VAL D 93 -17.44 -23.72 39.66
CA VAL D 93 -16.37 -23.38 40.59
C VAL D 93 -16.88 -22.30 41.52
N LYS D 94 -16.97 -22.63 42.81
CA LYS D 94 -17.49 -21.70 43.80
C LYS D 94 -16.41 -20.70 44.21
N TRP D 95 -16.85 -19.51 44.60
CA TRP D 95 -15.94 -18.44 44.97
C TRP D 95 -15.46 -18.65 46.41
N ASP D 96 -14.15 -18.79 46.58
CA ASP D 96 -13.53 -18.80 47.89
C ASP D 96 -12.91 -17.44 48.15
N ARG D 97 -13.32 -16.80 49.25
CA ARG D 97 -12.87 -15.45 49.53
C ARG D 97 -11.38 -15.36 49.83
N ASP D 98 -10.72 -16.49 50.06
CA ASP D 98 -9.28 -16.54 50.28
C ASP D 98 -8.60 -17.46 49.27
N MET D 99 -9.17 -17.57 48.08
CA MET D 99 -8.65 -18.46 47.06
C MET D 99 -9.22 -18.14 45.69
N VAL E 1 2.25 -0.91 15.55
CA VAL E 1 1.15 -0.44 14.71
C VAL E 1 0.39 -1.67 14.14
N VAL E 2 0.64 -2.06 12.89
CA VAL E 2 0.30 -3.40 12.37
C VAL E 2 1.29 -3.72 11.27
N GLY E 3 1.86 -4.93 11.32
CA GLY E 3 2.86 -5.31 10.34
C GLY E 3 2.77 -6.74 9.87
N ALA E 4 1.61 -7.36 10.02
CA ALA E 4 1.42 -8.72 9.56
C ALA E 4 1.52 -8.76 8.03
N VAL E 5 2.50 -9.50 7.52
CA VAL E 5 2.67 -9.65 6.08
C VAL E 5 1.78 -10.78 5.59
N GLY E 6 0.88 -10.46 4.67
CA GLY E 6 -0.05 -11.45 4.15
C GLY E 6 0.31 -11.94 2.78
N VAL E 7 0.81 -13.16 2.67
CA VAL E 7 1.24 -13.72 1.39
C VAL E 7 0.56 -15.06 1.13
N GLY E 8 -0.63 -15.26 1.70
CA GLY E 8 -1.55 -16.28 1.25
C GLY E 8 -1.32 -17.68 1.78
N LYS E 9 -0.17 -17.97 2.36
CA LYS E 9 0.14 -19.29 2.91
C LYS E 9 -0.08 -20.43 1.90
#